data_6F2M
#
_entry.id   6F2M
#
_cell.length_a   71.400
_cell.length_b   95.240
_cell.length_c   71.584
_cell.angle_alpha   90.00
_cell.angle_beta   102.66
_cell.angle_gamma   90.00
#
_symmetry.space_group_name_H-M   'P 1 21 1'
#
loop_
_entity.id
_entity.type
_entity.pdbx_description
1 polymer 'Distal tail protein'
2 non-polymer Tb-Xo4
3 non-polymer 1,2-ETHANEDIOL
4 non-polymer 'CHLORIDE ION'
5 non-polymer 'SODIUM ION'
6 non-polymer 'TERBIUM(III) ION'
7 water water
#
_entity_poly.entity_id   1
_entity_poly.type   'polypeptide(L)'
_entity_poly.pdbx_seq_one_letter_code
;MRLPDPYTNPEYPGLGFESVNLVDNDPMIRDELPNGKVKEVKISAQYWGINISYPELFPDEYAFLDSRLLEYKRTGDYLD
VLLPQYEAFRVRGDTKSVTIPAGQKGSQIILNTNGTLTGQPKAGDLFKLSTHPKVYKITNFSSSGNVWNISLYPDLFITT
TGSEKPVFNGILFRTKLMNGDSFGSTLNNNGTYSGISLSLRESLENLYFQGHHHHHH
;
_entity_poly.pdbx_strand_id   A,B,C,D
#
loop_
_chem_comp.id
_chem_comp.type
_chem_comp.name
_chem_comp.formula
7MT non-polymer Tb-Xo4 'C20 H23 N5 O4 Tb 5'
CL non-polymer 'CHLORIDE ION' 'Cl -1'
EDO non-polymer 1,2-ETHANEDIOL 'C2 H6 O2'
NA non-polymer 'SODIUM ION' 'Na 1'
TB non-polymer 'TERBIUM(III) ION' 'Tb 3'
#
# COMPACT_ATOMS: atom_id res chain seq x y z
N MET A 1 17.71 -28.54 40.22
CA MET A 1 17.38 -29.95 40.38
C MET A 1 16.01 -30.18 39.78
N ARG A 2 15.79 -31.32 39.11
CA ARG A 2 14.50 -31.71 38.54
C ARG A 2 13.60 -32.32 39.60
N LEU A 3 12.35 -31.85 39.72
CA LEU A 3 11.38 -32.46 40.63
C LEU A 3 11.11 -33.85 40.04
N PRO A 4 11.38 -34.95 40.76
CA PRO A 4 11.15 -36.27 40.17
C PRO A 4 9.69 -36.50 39.83
N ASP A 5 9.43 -37.21 38.73
CA ASP A 5 8.07 -37.48 38.26
C ASP A 5 8.06 -38.85 37.57
N PRO A 6 6.95 -39.32 36.98
CA PRO A 6 6.97 -40.65 36.33
C PRO A 6 7.79 -40.71 35.04
N TYR A 7 8.27 -39.57 34.54
CA TYR A 7 9.10 -39.54 33.34
C TYR A 7 10.56 -39.72 33.75
N THR A 8 10.99 -39.10 34.86
CA THR A 8 12.36 -39.29 35.36
C THR A 8 12.46 -40.62 36.11
N ASN A 9 11.37 -41.02 36.79
CA ASN A 9 11.31 -42.20 37.63
C ASN A 9 10.00 -42.96 37.41
N PRO A 10 9.88 -43.71 36.29
CA PRO A 10 8.63 -44.47 36.05
C PRO A 10 8.33 -45.56 37.06
N GLU A 11 9.32 -45.95 37.90
CA GLU A 11 9.09 -46.88 39.00
C GLU A 11 8.17 -46.29 40.10
N TYR A 12 7.93 -44.95 40.10
CA TYR A 12 7.08 -44.28 41.09
C TYR A 12 5.88 -43.60 40.39
N PRO A 13 4.88 -44.38 39.91
CA PRO A 13 3.74 -43.76 39.21
C PRO A 13 2.94 -42.76 40.05
N GLY A 14 3.01 -42.87 41.39
CA GLY A 14 2.37 -41.94 42.30
C GLY A 14 2.93 -40.53 42.23
N LEU A 15 4.11 -40.33 41.61
CA LEU A 15 4.68 -39.00 41.41
C LEU A 15 4.01 -38.25 40.22
N GLY A 16 3.06 -38.92 39.54
CA GLY A 16 2.22 -38.30 38.52
C GLY A 16 1.20 -37.45 39.24
N PHE A 17 1.08 -36.19 38.85
CA PHE A 17 0.15 -35.25 39.54
C PHE A 17 -1.30 -35.53 39.35
N GLU A 18 -2.10 -35.29 40.41
CA GLU A 18 -3.55 -35.36 40.29
C GLU A 18 -4.13 -34.10 39.73
N SER A 19 -3.72 -32.97 40.28
CA SER A 19 -4.19 -31.68 39.87
C SER A 19 -3.03 -30.74 39.86
N VAL A 20 -3.10 -29.77 38.96
CA VAL A 20 -2.14 -28.69 38.84
C VAL A 20 -2.89 -27.43 38.55
N ASN A 21 -2.54 -26.36 39.25
CA ASN A 21 -3.07 -25.06 38.99
C ASN A 21 -1.91 -24.13 38.70
N LEU A 22 -1.99 -23.42 37.56
CA LEU A 22 -1.00 -22.43 37.12
C LEU A 22 -1.58 -21.07 37.41
N VAL A 23 -0.96 -20.32 38.33
CA VAL A 23 -1.49 -19.06 38.82
C VAL A 23 -0.65 -17.91 38.31
N ASP A 24 -1.33 -16.89 37.80
CA ASP A 24 -0.67 -15.69 37.30
C ASP A 24 -0.46 -14.68 38.44
N ASN A 25 0.80 -14.41 38.81
CA ASN A 25 1.10 -13.37 39.81
C ASN A 25 1.62 -12.15 39.07
N ASP A 26 0.81 -11.08 39.02
CA ASP A 26 1.17 -9.84 38.32
C ASP A 26 1.28 -8.65 39.28
N ALA A 45 8.08 -7.94 38.77
CA ALA A 45 7.82 -8.63 37.52
C ALA A 45 6.86 -9.83 37.67
N GLN A 46 6.20 -10.21 36.58
CA GLN A 46 5.25 -11.32 36.58
C GLN A 46 5.96 -12.63 36.89
N TYR A 47 5.25 -13.54 37.56
CA TYR A 47 5.79 -14.87 37.81
C TYR A 47 4.65 -15.85 37.97
N TRP A 48 4.89 -17.08 37.54
CA TRP A 48 3.89 -18.14 37.67
C TRP A 48 3.99 -18.79 39.04
N GLY A 49 2.85 -19.08 39.62
CA GLY A 49 2.71 -19.91 40.81
C GLY A 49 2.20 -21.25 40.35
N ILE A 50 2.70 -22.33 40.92
CA ILE A 50 2.30 -23.71 40.60
C ILE A 50 1.85 -24.43 41.85
N ASN A 51 0.60 -24.92 41.89
CA ASN A 51 0.07 -25.72 42.98
C ASN A 51 -0.16 -27.13 42.48
N ILE A 52 0.58 -28.09 43.03
CA ILE A 52 0.51 -29.49 42.62
C ILE A 52 -0.03 -30.34 43.76
N SER A 53 -0.99 -31.19 43.44
CA SER A 53 -1.57 -32.15 44.35
C SER A 53 -1.22 -33.57 43.88
N TYR A 54 -0.76 -34.39 44.82
CA TYR A 54 -0.41 -35.77 44.54
C TYR A 54 -1.56 -36.70 44.89
N PRO A 55 -1.59 -37.88 44.27
CA PRO A 55 -2.49 -38.93 44.76
C PRO A 55 -1.91 -39.47 46.06
N GLU A 56 -2.53 -40.50 46.66
CA GLU A 56 -1.95 -41.12 47.84
C GLU A 56 -0.62 -41.76 47.39
N LEU A 57 0.47 -41.56 48.14
CA LEU A 57 1.78 -42.08 47.79
C LEU A 57 2.10 -43.33 48.61
N PHE A 58 2.71 -44.32 47.96
CA PHE A 58 3.18 -45.48 48.68
C PHE A 58 4.47 -45.08 49.43
N PRO A 59 4.85 -45.84 50.47
CA PRO A 59 6.04 -45.47 51.26
C PRO A 59 7.32 -45.22 50.47
N ASP A 60 7.63 -46.07 49.48
CA ASP A 60 8.83 -45.88 48.63
C ASP A 60 8.78 -44.57 47.84
N GLU A 61 7.58 -44.19 47.33
CA GLU A 61 7.38 -42.98 46.54
C GLU A 61 7.55 -41.74 47.41
N TYR A 62 6.90 -41.75 48.58
CA TYR A 62 6.96 -40.67 49.53
C TYR A 62 8.41 -40.48 50.00
N ALA A 63 9.09 -41.58 50.36
CA ALA A 63 10.50 -41.52 50.82
C ALA A 63 11.40 -40.92 49.76
N PHE A 64 11.22 -41.31 48.48
CA PHE A 64 12.03 -40.80 47.40
C PHE A 64 11.78 -39.29 47.17
N LEU A 65 10.51 -38.88 47.13
CA LEU A 65 10.16 -37.46 46.97
C LEU A 65 10.71 -36.64 48.16
N ASP A 66 10.54 -37.16 49.36
CA ASP A 66 11.01 -36.50 50.59
C ASP A 66 12.54 -36.34 50.53
N SER A 67 13.28 -37.39 50.13
CA SER A 67 14.74 -37.31 50.05
C SER A 67 15.19 -36.28 49.02
N ARG A 68 14.49 -36.21 47.87
CA ARG A 68 14.81 -35.25 46.83
C ARG A 68 14.53 -33.80 47.27
N LEU A 69 13.45 -33.56 48.03
CA LEU A 69 13.15 -32.22 48.55
C LEU A 69 14.10 -31.83 49.69
N LEU A 70 14.62 -32.81 50.44
CA LEU A 70 15.60 -32.54 51.49
C LEU A 70 16.91 -32.12 50.85
N GLU A 71 17.32 -32.79 49.75
CA GLU A 71 18.53 -32.45 49.00
C GLU A 71 18.39 -31.03 48.39
N TYR A 72 17.18 -30.67 47.91
CA TYR A 72 16.88 -29.34 47.40
C TYR A 72 17.04 -28.30 48.54
N LYS A 73 16.51 -28.60 49.73
CA LYS A 73 16.62 -27.71 50.89
C LYS A 73 18.08 -27.54 51.32
N ARG A 74 18.84 -28.65 51.35
CA ARG A 74 20.28 -28.71 51.73
C ARG A 74 21.12 -27.84 50.80
N THR A 75 20.96 -28.05 49.49
CA THR A 75 21.63 -27.28 48.47
C THR A 75 20.69 -26.24 47.97
N GLY A 76 21.00 -24.99 48.16
CA GLY A 76 20.03 -23.93 47.83
C GLY A 76 19.69 -23.80 46.34
N ASP A 77 19.35 -24.94 45.71
CA ASP A 77 19.10 -25.03 44.29
C ASP A 77 17.65 -24.65 44.02
N TYR A 78 17.26 -24.67 42.75
CA TYR A 78 15.90 -24.43 42.31
C TYR A 78 15.28 -25.80 42.12
N LEU A 79 13.97 -25.82 41.85
CA LEU A 79 13.24 -27.04 41.53
C LEU A 79 12.69 -26.84 40.15
N ASP A 80 13.18 -27.62 39.18
CA ASP A 80 12.68 -27.58 37.80
C ASP A 80 11.51 -28.52 37.69
N VAL A 81 10.38 -28.06 37.11
CA VAL A 81 9.22 -28.91 37.05
C VAL A 81 8.59 -28.93 35.68
N LEU A 82 8.21 -30.14 35.28
CA LEU A 82 7.47 -30.38 34.05
C LEU A 82 5.98 -30.47 34.40
N LEU A 83 5.11 -29.79 33.64
CA LEU A 83 3.67 -29.85 33.83
C LEU A 83 3.10 -30.61 32.61
N PRO A 84 2.89 -31.95 32.70
CA PRO A 84 2.45 -32.73 31.54
C PRO A 84 1.09 -32.33 30.95
N GLN A 85 0.26 -31.60 31.64
CA GLN A 85 -1.00 -31.13 31.06
C GLN A 85 -0.78 -30.16 29.86
N TYR A 86 0.41 -29.51 29.79
CA TYR A 86 0.74 -28.59 28.67
C TYR A 86 1.56 -29.26 27.58
N GLU A 87 1.77 -30.56 27.69
CA GLU A 87 2.55 -31.33 26.74
C GLU A 87 1.64 -31.75 25.57
N ALA A 88 1.31 -30.81 24.64
CA ALA A 88 0.42 -31.15 23.52
C ALA A 88 1.19 -31.59 22.26
N PHE A 89 2.52 -31.32 22.19
CA PHE A 89 3.34 -31.66 21.03
C PHE A 89 2.65 -31.19 19.74
N ARG A 90 2.16 -29.95 19.76
CA ARG A 90 1.49 -29.33 18.61
C ARG A 90 2.49 -28.90 17.58
N VAL A 91 3.71 -28.56 18.00
CA VAL A 91 4.77 -28.10 17.12
C VAL A 91 5.89 -29.11 17.23
N ARG A 92 6.29 -29.65 16.10
CA ARG A 92 7.33 -30.68 16.04
C ARG A 92 8.42 -30.37 15.06
N GLY A 93 9.57 -30.98 15.29
CA GLY A 93 10.72 -30.84 14.42
C GLY A 93 11.96 -30.34 15.10
N ASP A 94 13.08 -30.40 14.37
CA ASP A 94 14.39 -29.99 14.80
C ASP A 94 14.46 -28.46 14.74
N THR A 95 14.78 -27.83 15.85
CA THR A 95 14.88 -26.38 15.97
C THR A 95 16.30 -25.81 15.63
N LYS A 96 17.25 -26.65 15.14
CA LYS A 96 18.64 -26.25 14.81
C LYS A 96 18.75 -25.02 13.88
N SER A 97 18.03 -25.05 12.76
CA SER A 97 18.07 -23.98 11.77
C SER A 97 16.89 -22.99 11.91
N VAL A 98 16.12 -23.08 13.00
CA VAL A 98 15.05 -22.14 13.30
C VAL A 98 15.73 -20.91 13.91
N THR A 99 15.42 -19.71 13.39
CA THR A 99 16.05 -18.49 13.91
C THR A 99 15.09 -17.53 14.52
N ILE A 100 15.54 -16.94 15.61
CA ILE A 100 14.87 -15.87 16.30
C ILE A 100 15.76 -14.64 16.09
N PRO A 101 15.36 -13.67 15.26
CA PRO A 101 16.20 -12.48 15.10
C PRO A 101 16.51 -11.73 16.40
N ALA A 102 17.70 -11.18 16.48
CA ALA A 102 18.17 -10.41 17.65
C ALA A 102 17.44 -9.08 17.81
N GLY A 103 17.53 -8.53 19.00
CA GLY A 103 17.00 -7.21 19.34
C GLY A 103 15.51 -7.13 19.65
N GLN A 104 14.82 -8.26 19.72
CA GLN A 104 13.38 -8.23 20.00
C GLN A 104 13.15 -8.16 21.48
N LYS A 105 12.16 -7.37 21.85
CA LYS A 105 11.65 -7.26 23.20
C LYS A 105 10.16 -6.96 23.06
N GLY A 106 9.46 -6.86 24.15
CA GLY A 106 8.03 -6.60 24.13
C GLY A 106 7.21 -7.88 24.18
N SER A 107 6.00 -7.80 23.64
CA SER A 107 5.02 -8.88 23.74
C SER A 107 5.02 -9.88 22.59
N GLN A 108 5.89 -9.70 21.56
CA GLN A 108 5.93 -10.56 20.38
C GLN A 108 7.29 -11.19 20.17
N ILE A 109 7.32 -12.45 19.75
CA ILE A 109 8.54 -13.11 19.31
C ILE A 109 8.26 -13.50 17.84
N ILE A 110 9.09 -12.98 16.94
CA ILE A 110 9.03 -13.32 15.53
C ILE A 110 10.13 -14.33 15.31
N LEU A 111 9.84 -15.39 14.57
CA LEU A 111 10.86 -16.33 14.19
C LEU A 111 10.75 -16.79 12.75
N ASN A 112 11.85 -17.34 12.24
CA ASN A 112 11.93 -17.89 10.91
C ASN A 112 12.07 -19.42 11.12
N THR A 113 11.06 -20.17 10.72
CA THR A 113 11.09 -21.66 10.92
C THR A 113 12.07 -22.35 10.02
N ASN A 114 12.43 -21.71 8.89
CA ASN A 114 13.26 -22.30 7.86
C ASN A 114 12.62 -23.56 7.25
N GLY A 115 11.31 -23.67 7.39
CA GLY A 115 10.54 -24.81 6.90
C GLY A 115 10.76 -26.11 7.66
N THR A 116 11.37 -26.05 8.86
CA THR A 116 11.71 -27.25 9.60
C THR A 116 10.70 -27.65 10.64
N LEU A 117 9.69 -26.82 10.94
CA LEU A 117 8.70 -27.12 11.95
C LEU A 117 7.36 -27.49 11.32
N THR A 118 6.72 -28.52 11.88
CA THR A 118 5.40 -28.99 11.44
C THR A 118 4.43 -28.63 12.55
N GLY A 119 3.19 -28.34 12.19
CA GLY A 119 2.17 -27.93 13.13
C GLY A 119 2.31 -26.47 13.46
N GLN A 120 1.49 -25.98 14.38
CA GLN A 120 1.49 -24.58 14.79
C GLN A 120 1.07 -24.47 16.24
N PRO A 121 1.57 -23.50 16.99
CA PRO A 121 1.13 -23.40 18.40
C PRO A 121 -0.23 -22.74 18.47
N LYS A 122 -0.88 -22.88 19.61
CA LYS A 122 -2.20 -22.32 19.88
C LYS A 122 -2.15 -21.44 21.09
N ALA A 123 -3.02 -20.43 21.14
CA ALA A 123 -3.16 -19.59 22.32
C ALA A 123 -3.48 -20.51 23.51
N GLY A 124 -2.84 -20.26 24.66
CA GLY A 124 -2.98 -21.08 25.84
C GLY A 124 -1.79 -22.02 26.02
N ASP A 125 -1.05 -22.31 24.92
CA ASP A 125 0.15 -23.14 25.02
C ASP A 125 1.27 -22.38 25.74
N LEU A 126 2.25 -23.11 26.26
CA LEU A 126 3.40 -22.52 26.91
C LEU A 126 4.47 -22.21 25.87
N PHE A 127 5.42 -21.37 26.24
CA PHE A 127 6.56 -21.02 25.39
C PHE A 127 7.74 -20.63 26.24
N LYS A 128 8.93 -20.97 25.79
CA LYS A 128 10.16 -20.60 26.47
C LYS A 128 11.25 -20.39 25.42
N LEU A 129 12.20 -19.52 25.73
CA LEU A 129 13.41 -19.32 24.95
C LEU A 129 14.45 -20.27 25.53
N SER A 130 15.21 -20.93 24.68
CA SER A 130 16.18 -21.94 25.11
C SER A 130 17.27 -21.44 26.09
N THR A 131 17.60 -20.15 26.04
CA THR A 131 18.72 -19.57 26.81
C THR A 131 18.34 -18.91 28.14
N HIS A 132 17.05 -18.83 28.46
CA HIS A 132 16.58 -18.12 29.64
C HIS A 132 15.45 -18.91 30.34
N PRO A 133 15.37 -18.89 31.68
CA PRO A 133 14.38 -19.76 32.35
C PRO A 133 12.93 -19.34 32.28
N LYS A 134 12.62 -18.07 31.96
CA LYS A 134 11.23 -17.62 32.00
C LYS A 134 10.29 -18.42 31.11
N VAL A 135 9.12 -18.78 31.65
CA VAL A 135 8.08 -19.47 30.88
C VAL A 135 7.00 -18.45 30.58
N TYR A 136 6.49 -18.46 29.36
CA TYR A 136 5.44 -17.57 28.88
C TYR A 136 4.24 -18.38 28.44
N LYS A 137 3.10 -17.72 28.35
CA LYS A 137 1.87 -18.24 27.78
C LYS A 137 1.72 -17.61 26.42
N ILE A 138 1.34 -18.39 25.43
CA ILE A 138 1.06 -17.91 24.08
C ILE A 138 -0.34 -17.30 24.11
N THR A 139 -0.47 -16.04 23.71
CA THR A 139 -1.77 -15.35 23.69
C THR A 139 -2.40 -15.31 22.29
N ASN A 140 -1.58 -15.41 21.25
CA ASN A 140 -2.02 -15.34 19.87
C ASN A 140 -0.94 -15.89 18.96
N PHE A 141 -1.32 -16.33 17.78
CA PHE A 141 -0.40 -16.83 16.77
C PHE A 141 -0.86 -16.41 15.38
N SER A 142 0.07 -15.94 14.55
CA SER A 142 -0.18 -15.66 13.15
C SER A 142 1.08 -16.02 12.38
N SER A 143 0.95 -16.28 11.11
CA SER A 143 2.09 -16.61 10.29
C SER A 143 1.97 -16.12 8.88
N SER A 144 3.11 -15.99 8.21
CA SER A 144 3.21 -15.65 6.80
C SER A 144 4.33 -16.51 6.26
N GLY A 145 3.96 -17.65 5.69
CA GLY A 145 4.95 -18.64 5.26
C GLY A 145 5.76 -19.12 6.45
N ASN A 146 7.11 -19.08 6.34
CA ASN A 146 8.02 -19.46 7.44
C ASN A 146 8.20 -18.41 8.53
N VAL A 147 7.48 -17.26 8.44
CA VAL A 147 7.52 -16.22 9.46
C VAL A 147 6.43 -16.57 10.45
N TRP A 148 6.80 -16.80 11.70
CA TRP A 148 5.84 -17.06 12.78
C TRP A 148 5.84 -15.86 13.71
N ASN A 149 4.65 -15.37 14.06
CA ASN A 149 4.48 -14.26 14.99
C ASN A 149 3.73 -14.78 16.20
N ILE A 150 4.43 -14.97 17.30
CA ILE A 150 3.91 -15.57 18.55
C ILE A 150 3.75 -14.43 19.57
N SER A 151 2.53 -14.16 19.98
CA SER A 151 2.28 -13.14 21.01
C SER A 151 2.39 -13.85 22.35
N LEU A 152 3.03 -13.17 23.31
CA LEU A 152 3.35 -13.77 24.61
C LEU A 152 2.82 -12.95 25.77
N TYR A 153 2.61 -13.67 26.86
CA TYR A 153 2.29 -13.11 28.17
C TYR A 153 3.19 -13.81 29.20
N PRO A 154 3.92 -13.07 30.07
CA PRO A 154 4.10 -11.60 30.09
C PRO A 154 5.01 -11.17 28.93
N ASP A 155 5.46 -9.89 28.94
CA ASP A 155 6.41 -9.43 27.94
C ASP A 155 7.75 -10.14 28.14
N LEU A 156 8.55 -10.20 27.10
CA LEU A 156 9.87 -10.81 27.14
C LEU A 156 10.73 -10.25 28.28
N PHE A 157 11.38 -11.15 29.01
CA PHE A 157 12.25 -10.78 30.12
C PHE A 157 13.64 -10.37 29.65
N ILE A 158 13.99 -10.70 28.40
CA ILE A 158 15.27 -10.32 27.82
C ILE A 158 15.06 -9.76 26.44
N THR A 159 16.08 -9.08 25.94
CA THR A 159 16.13 -8.64 24.56
C THR A 159 16.84 -9.80 23.85
N THR A 160 16.27 -10.30 22.77
CA THR A 160 16.90 -11.46 22.08
C THR A 160 18.31 -11.12 21.55
N THR A 161 19.19 -12.10 21.58
CA THR A 161 20.56 -12.00 21.07
C THR A 161 20.68 -12.58 19.66
N GLY A 162 19.71 -13.37 19.25
CA GLY A 162 19.76 -14.04 17.94
C GLY A 162 20.21 -15.49 18.05
N SER A 163 20.69 -15.92 19.23
CA SER A 163 21.16 -17.31 19.42
C SER A 163 20.10 -18.18 20.07
N GLU A 164 18.94 -17.61 20.45
CA GLU A 164 17.87 -18.35 21.11
C GLU A 164 17.14 -19.28 20.18
N LYS A 165 16.65 -20.39 20.75
CA LYS A 165 15.81 -21.33 20.02
C LYS A 165 14.45 -21.34 20.69
N PRO A 166 13.37 -21.46 19.92
CA PRO A 166 12.05 -21.55 20.56
C PRO A 166 11.90 -22.92 21.20
N VAL A 167 11.18 -22.99 22.31
CA VAL A 167 10.90 -24.24 23.01
C VAL A 167 9.38 -24.30 23.19
N PHE A 168 8.76 -25.32 22.63
CA PHE A 168 7.31 -25.57 22.73
C PHE A 168 7.01 -26.80 23.61
N ASN A 169 7.88 -27.82 23.59
CA ASN A 169 7.69 -29.09 24.28
C ASN A 169 8.76 -29.31 25.31
N GLY A 170 8.43 -30.05 26.35
CA GLY A 170 9.37 -30.39 27.40
C GLY A 170 9.79 -29.20 28.24
N ILE A 171 8.93 -28.19 28.34
CA ILE A 171 9.24 -26.96 29.07
C ILE A 171 9.31 -27.23 30.56
N LEU A 172 10.40 -26.82 31.20
CA LEU A 172 10.53 -26.90 32.64
C LEU A 172 10.41 -25.49 33.25
N PHE A 173 9.62 -25.36 34.32
CA PHE A 173 9.50 -24.11 35.07
C PHE A 173 10.59 -24.15 36.12
N ARG A 174 11.32 -23.05 36.32
CA ARG A 174 12.39 -22.99 37.33
C ARG A 174 11.76 -22.30 38.53
N THR A 175 11.64 -23.06 39.64
CA THR A 175 10.90 -22.58 40.81
C THR A 175 11.63 -22.73 42.15
N LYS A 176 11.00 -22.17 43.18
CA LYS A 176 11.38 -22.34 44.59
C LYS A 176 10.16 -22.86 45.31
N LEU A 177 10.38 -23.72 46.29
CA LEU A 177 9.32 -24.35 47.07
C LEU A 177 8.85 -23.36 48.10
N MET A 178 7.53 -23.07 48.13
CA MET A 178 6.91 -22.12 49.08
C MET A 178 6.35 -22.74 50.40
N ASN A 179 6.01 -24.02 50.37
CA ASN A 179 5.35 -24.74 51.48
C ASN A 179 6.20 -25.86 52.06
N GLY A 180 7.52 -25.68 52.08
CA GLY A 180 8.39 -26.68 52.71
C GLY A 180 8.05 -26.89 54.20
N ASP A 181 7.58 -25.82 54.87
CA ASP A 181 7.20 -25.89 56.29
C ASP A 181 5.90 -26.68 56.55
N SER A 182 5.09 -26.94 55.51
CA SER A 182 3.92 -27.77 55.66
C SER A 182 3.98 -29.00 54.74
N PHE A 183 5.18 -29.37 54.29
CA PHE A 183 5.33 -30.58 53.50
C PHE A 183 5.45 -31.78 54.42
N GLY A 184 4.88 -32.89 53.98
CA GLY A 184 5.00 -34.16 54.67
C GLY A 184 3.68 -34.77 55.04
N SER A 185 3.72 -36.01 55.45
CA SER A 185 2.51 -36.71 55.82
C SER A 185 2.85 -37.85 56.77
N THR A 186 1.83 -38.54 57.25
CA THR A 186 1.98 -39.67 58.17
C THR A 186 1.29 -40.87 57.54
N LEU A 187 1.82 -42.07 57.82
CA LEU A 187 1.26 -43.31 57.28
C LEU A 187 -0.19 -43.47 57.74
N ASN A 188 -1.14 -43.64 56.80
CA ASN A 188 -2.56 -43.78 57.12
C ASN A 188 -2.88 -45.28 57.32
N ASN A 189 -4.14 -45.64 57.54
CA ASN A 189 -4.50 -47.06 57.75
C ASN A 189 -4.39 -47.91 56.48
N ASN A 190 -4.33 -47.29 55.26
CA ASN A 190 -4.15 -48.03 54.01
C ASN A 190 -2.67 -48.26 53.69
N GLY A 191 -1.75 -47.79 54.53
CA GLY A 191 -0.32 -47.94 54.28
C GLY A 191 0.21 -46.98 53.23
N THR A 192 -0.46 -45.81 53.05
CA THR A 192 -0.04 -44.79 52.12
C THR A 192 0.04 -43.44 52.83
N TYR A 193 0.49 -42.41 52.10
CA TYR A 193 0.65 -41.02 52.57
C TYR A 193 -0.27 -40.12 51.75
N SER A 194 -1.27 -39.56 52.43
CA SER A 194 -2.26 -38.70 51.80
CA SER A 194 -2.27 -38.70 51.81
C SER A 194 -1.92 -37.22 51.94
N GLY A 195 -2.58 -36.42 51.14
CA GLY A 195 -2.51 -34.97 51.16
C GLY A 195 -1.20 -34.30 50.83
N ILE A 196 -0.32 -34.99 50.10
CA ILE A 196 0.95 -34.38 49.70
C ILE A 196 0.67 -33.39 48.58
N SER A 197 1.18 -32.17 48.76
CA SER A 197 1.02 -31.11 47.80
C SER A 197 2.27 -30.22 47.80
N LEU A 198 2.59 -29.65 46.64
CA LEU A 198 3.70 -28.71 46.47
C LEU A 198 3.18 -27.39 45.94
N SER A 199 3.61 -26.29 46.56
CA SER A 199 3.32 -24.93 46.18
C SER A 199 4.65 -24.35 45.75
N LEU A 200 4.76 -24.04 44.45
CA LEU A 200 5.99 -23.57 43.83
C LEU A 200 5.82 -22.19 43.25
N ARG A 201 6.87 -21.36 43.29
CA ARG A 201 6.92 -20.01 42.79
C ARG A 201 8.02 -19.94 41.76
N GLU A 202 7.69 -19.54 40.53
CA GLU A 202 8.70 -19.35 39.51
C GLU A 202 9.69 -18.32 40.06
N SER A 203 10.96 -18.66 40.02
CA SER A 203 12.04 -17.86 40.58
C SER A 203 12.86 -17.27 39.46
N MET B 1 18.52 -3.85 -21.59
CA MET B 1 19.63 -2.88 -21.61
C MET B 1 19.31 -1.64 -20.77
N ARG B 2 20.34 -0.91 -20.37
CA ARG B 2 20.22 0.27 -19.53
C ARG B 2 19.96 1.53 -20.35
N LEU B 3 18.93 2.34 -19.95
CA LEU B 3 18.68 3.61 -20.59
C LEU B 3 19.89 4.49 -20.19
N PRO B 4 20.64 5.02 -21.15
CA PRO B 4 21.82 5.81 -20.79
C PRO B 4 21.44 7.07 -20.06
N ASP B 5 22.24 7.45 -19.09
CA ASP B 5 21.99 8.63 -18.26
C ASP B 5 23.33 9.26 -17.80
N PRO B 6 23.35 10.37 -17.01
CA PRO B 6 24.66 10.93 -16.58
C PRO B 6 25.51 10.03 -15.67
N TYR B 7 25.01 8.88 -15.19
CA TYR B 7 25.76 7.96 -14.33
C TYR B 7 26.47 6.92 -15.21
N THR B 8 25.81 6.42 -16.25
CA THR B 8 26.46 5.47 -17.18
C THR B 8 27.37 6.23 -18.14
N ASN B 9 26.96 7.47 -18.49
CA ASN B 9 27.67 8.29 -19.46
C ASN B 9 27.74 9.73 -18.99
N PRO B 10 28.64 10.05 -18.02
CA PRO B 10 28.76 11.43 -17.53
C PRO B 10 29.20 12.46 -18.59
N GLU B 11 29.74 11.99 -19.74
CA GLU B 11 30.06 12.86 -20.87
C GLU B 11 28.81 13.49 -21.50
N TYR B 12 27.58 12.96 -21.22
CA TYR B 12 26.32 13.46 -21.76
C TYR B 12 25.42 13.96 -20.62
N PRO B 13 25.73 15.13 -20.01
CA PRO B 13 24.89 15.62 -18.89
C PRO B 13 23.43 15.89 -19.28
N GLY B 14 23.16 16.14 -20.56
CA GLY B 14 21.81 16.33 -21.08
C GLY B 14 20.92 15.11 -20.94
N LEU B 15 21.49 13.90 -20.69
CA LEU B 15 20.70 12.71 -20.43
C LEU B 15 20.12 12.68 -18.99
N GLY B 16 20.45 13.69 -18.18
CA GLY B 16 19.86 13.88 -16.86
C GLY B 16 18.46 14.40 -17.12
N PHE B 17 17.46 13.58 -16.97
CA PHE B 17 16.12 14.05 -17.31
C PHE B 17 15.63 14.89 -16.16
N GLU B 18 14.92 15.96 -16.47
CA GLU B 18 14.53 16.91 -15.42
C GLU B 18 13.20 16.53 -14.81
N SER B 19 12.12 16.51 -15.60
CA SER B 19 10.82 16.11 -15.06
C SER B 19 10.54 14.61 -15.29
N VAL B 20 9.99 13.96 -14.23
CA VAL B 20 9.55 12.56 -14.24
C VAL B 20 8.33 12.40 -13.35
N ASN B 21 7.25 11.81 -13.88
CA ASN B 21 6.08 11.49 -13.08
C ASN B 21 5.93 9.95 -13.06
N LEU B 22 5.93 9.39 -11.85
CA LEU B 22 5.80 7.95 -11.65
C LEU B 22 4.29 7.77 -11.55
N VAL B 23 3.71 7.05 -12.50
CA VAL B 23 2.26 6.88 -12.59
C VAL B 23 1.86 5.48 -12.16
N ASP B 24 0.86 5.39 -11.31
CA ASP B 24 0.35 4.10 -10.84
C ASP B 24 -0.74 3.61 -11.81
N ASN B 25 -0.47 2.51 -12.53
CA ASN B 25 -1.49 1.90 -13.41
C ASN B 25 -2.04 0.67 -12.70
N ASP B 26 -3.31 0.68 -12.29
CA ASP B 26 -3.99 -0.47 -11.69
C ASP B 26 -5.50 -0.32 -11.82
N ALA B 45 -2.40 -6.85 -13.96
CA ALA B 45 -1.59 -6.56 -12.76
C ALA B 45 -1.08 -5.11 -12.75
N GLN B 46 -0.77 -4.60 -11.55
CA GLN B 46 -0.28 -3.22 -11.40
C GLN B 46 1.05 -3.04 -12.12
N TYR B 47 1.27 -1.85 -12.68
CA TYR B 47 2.55 -1.52 -13.28
C TYR B 47 2.79 -0.04 -13.19
N TRP B 48 4.06 0.34 -13.06
CA TRP B 48 4.43 1.75 -13.04
C TRP B 48 4.61 2.29 -14.44
N GLY B 49 4.13 3.49 -14.66
CA GLY B 49 4.37 4.26 -15.87
C GLY B 49 5.37 5.35 -15.53
N ILE B 50 6.33 5.58 -16.42
CA ILE B 50 7.39 6.57 -16.21
C ILE B 50 7.42 7.44 -17.50
N ASN B 51 7.17 8.74 -17.34
CA ASN B 51 7.21 9.67 -18.45
C ASN B 51 8.40 10.58 -18.21
N ILE B 52 9.41 10.49 -19.09
CA ILE B 52 10.68 11.19 -19.00
C ILE B 52 10.66 12.41 -19.94
N SER B 53 10.99 13.61 -19.45
CA SER B 53 11.19 14.79 -20.28
C SER B 53 12.66 15.20 -20.16
N TYR B 54 13.31 15.38 -21.29
CA TYR B 54 14.71 15.77 -21.33
C TYR B 54 14.86 17.27 -21.46
N PRO B 55 16.00 17.80 -21.02
CA PRO B 55 16.30 19.20 -21.35
C PRO B 55 16.68 19.25 -22.84
N GLU B 56 17.09 20.41 -23.34
CA GLU B 56 17.55 20.47 -24.73
C GLU B 56 18.80 19.59 -24.83
N LEU B 57 18.89 18.72 -25.86
CA LEU B 57 20.04 17.83 -26.04
C LEU B 57 20.97 18.35 -27.12
N PHE B 58 22.27 18.23 -26.88
CA PHE B 58 23.25 18.59 -27.88
C PHE B 58 23.26 17.45 -28.93
N PRO B 59 23.75 17.69 -30.15
CA PRO B 59 23.74 16.65 -31.19
C PRO B 59 24.37 15.33 -30.79
N ASP B 60 25.53 15.35 -30.10
CA ASP B 60 26.19 14.11 -29.66
C ASP B 60 25.32 13.33 -28.66
N GLU B 61 24.60 14.03 -27.76
CA GLU B 61 23.73 13.41 -26.74
C GLU B 61 22.53 12.76 -27.39
N TYR B 62 21.88 13.51 -28.28
CA TYR B 62 20.72 13.05 -29.02
C TYR B 62 21.09 11.82 -29.87
N ALA B 63 22.22 11.90 -30.59
CA ALA B 63 22.68 10.79 -31.45
C ALA B 63 22.95 9.54 -30.62
N PHE B 64 23.58 9.68 -29.45
CA PHE B 64 23.88 8.56 -28.58
C PHE B 64 22.59 7.91 -28.03
N LEU B 65 21.65 8.73 -27.54
CA LEU B 65 20.37 8.24 -27.03
C LEU B 65 19.61 7.54 -28.15
N ASP B 66 19.57 8.15 -29.33
CA ASP B 66 18.89 7.60 -30.50
C ASP B 66 19.49 6.25 -30.89
N SER B 67 20.83 6.15 -30.92
CA SER B 67 21.49 4.89 -31.29
C SER B 67 21.19 3.78 -30.26
N ARG B 68 21.17 4.09 -28.94
CA ARG B 68 20.88 3.08 -27.94
C ARG B 68 19.38 2.65 -27.97
N LEU B 69 18.44 3.56 -28.29
CA LEU B 69 17.03 3.19 -28.45
C LEU B 69 16.83 2.35 -29.71
N LEU B 70 17.64 2.59 -30.78
CA LEU B 70 17.58 1.77 -32.00
C LEU B 70 18.08 0.35 -31.69
N GLU B 71 19.15 0.21 -30.87
CA GLU B 71 19.67 -1.10 -30.44
C GLU B 71 18.63 -1.82 -29.58
N TYR B 72 17.92 -1.08 -28.69
CA TYR B 72 16.84 -1.63 -27.87
C TYR B 72 15.74 -2.21 -28.78
N LYS B 73 15.33 -1.46 -29.81
CA LYS B 73 14.30 -1.92 -30.73
C LYS B 73 14.77 -3.15 -31.51
N ARG B 74 16.00 -3.10 -32.08
CA ARG B 74 16.61 -4.21 -32.87
C ARG B 74 16.69 -5.51 -32.07
N THR B 75 17.18 -5.44 -30.83
CA THR B 75 17.36 -6.59 -29.97
C THR B 75 16.08 -7.08 -29.27
N GLY B 76 14.97 -6.33 -29.36
CA GLY B 76 13.71 -6.69 -28.69
C GLY B 76 13.86 -6.80 -27.18
N ASP B 77 14.84 -6.09 -26.61
CA ASP B 77 15.21 -6.14 -25.19
C ASP B 77 14.29 -5.21 -24.38
N TYR B 78 14.46 -5.20 -23.06
CA TYR B 78 13.76 -4.28 -22.14
C TYR B 78 14.68 -3.08 -21.92
N LEU B 79 14.13 -2.00 -21.40
CA LEU B 79 14.90 -0.80 -21.11
C LEU B 79 14.90 -0.59 -19.59
N ASP B 80 16.07 -0.75 -18.96
CA ASP B 80 16.22 -0.59 -17.51
C ASP B 80 16.47 0.87 -17.22
N VAL B 81 15.69 1.46 -16.28
CA VAL B 81 15.77 2.88 -16.00
C VAL B 81 16.01 3.16 -14.51
N LEU B 82 16.99 4.02 -14.21
CA LEU B 82 17.25 4.51 -12.85
C LEU B 82 16.54 5.86 -12.70
N LEU B 83 15.81 6.07 -11.61
CA LEU B 83 15.15 7.34 -11.31
C LEU B 83 15.90 7.96 -10.12
N PRO B 84 16.89 8.85 -10.37
CA PRO B 84 17.71 9.37 -9.26
C PRO B 84 16.95 10.12 -8.18
N GLN B 85 15.71 10.58 -8.47
CA GLN B 85 14.92 11.27 -7.43
C GLN B 85 14.55 10.31 -6.25
N TYR B 86 14.70 8.98 -6.40
CA TYR B 86 14.47 8.00 -5.32
C TYR B 86 15.76 7.45 -4.69
N GLU B 87 16.92 7.90 -5.14
CA GLU B 87 18.19 7.44 -4.61
C GLU B 87 18.57 8.18 -3.35
N ALA B 88 17.99 7.78 -2.21
CA ALA B 88 18.29 8.44 -0.92
C ALA B 88 19.41 7.78 -0.13
N PHE B 89 19.80 6.54 -0.47
CA PHE B 89 20.82 5.78 0.27
C PHE B 89 20.55 5.85 1.79
N ARG B 90 19.30 5.62 2.17
CA ARG B 90 18.86 5.61 3.55
C ARG B 90 19.27 4.35 4.28
N VAL B 91 19.39 3.25 3.55
CA VAL B 91 19.73 1.94 4.09
C VAL B 91 21.04 1.56 3.45
N ARG B 92 22.05 1.32 4.26
CA ARG B 92 23.38 0.98 3.79
C ARG B 92 23.90 -0.31 4.33
N GLY B 93 24.80 -0.89 3.55
CA GLY B 93 25.42 -2.17 3.85
C GLY B 93 25.11 -3.18 2.77
N ASP B 94 25.95 -4.18 2.66
CA ASP B 94 25.75 -5.26 1.72
C ASP B 94 24.52 -6.04 2.24
N THR B 95 23.52 -6.29 1.41
CA THR B 95 22.29 -7.02 1.86
C THR B 95 22.38 -8.54 1.71
N LYS B 96 23.54 -9.11 1.32
CA LYS B 96 23.68 -10.56 1.16
C LYS B 96 23.50 -11.34 2.47
N SER B 97 23.75 -10.70 3.66
CA SER B 97 23.56 -11.39 4.96
C SER B 97 22.18 -11.12 5.56
N VAL B 98 21.30 -10.47 4.80
CA VAL B 98 19.92 -10.29 5.20
C VAL B 98 19.16 -11.58 4.85
N THR B 99 18.31 -12.07 5.73
CA THR B 99 17.48 -13.26 5.44
C THR B 99 16.04 -12.85 5.27
N ILE B 100 15.46 -13.24 4.12
CA ILE B 100 14.06 -13.07 3.81
C ILE B 100 13.45 -14.47 3.95
N PRO B 101 12.67 -14.76 5.01
CA PRO B 101 12.06 -16.09 5.10
C PRO B 101 11.17 -16.45 3.90
N ALA B 102 11.16 -17.72 3.55
CA ALA B 102 10.39 -18.27 2.42
C ALA B 102 8.90 -18.29 2.73
N GLY B 103 8.11 -18.41 1.66
CA GLY B 103 6.65 -18.56 1.71
C GLY B 103 5.84 -17.31 1.92
N GLN B 104 6.48 -16.14 1.89
CA GLN B 104 5.74 -14.88 2.08
C GLN B 104 5.14 -14.41 0.77
N LYS B 105 3.91 -13.94 0.86
CA LYS B 105 3.19 -13.32 -0.24
C LYS B 105 2.32 -12.24 0.40
N GLY B 106 1.58 -11.52 -0.41
CA GLY B 106 0.72 -10.47 0.09
C GLY B 106 1.40 -9.11 0.09
N SER B 107 0.96 -8.26 1.00
CA SER B 107 1.40 -6.87 1.05
C SER B 107 2.61 -6.59 1.95
N GLN B 108 3.22 -7.59 2.60
CA GLN B 108 4.38 -7.34 3.45
C GLN B 108 5.53 -8.27 3.21
N ILE B 109 6.73 -7.75 3.43
CA ILE B 109 7.97 -8.50 3.40
C ILE B 109 8.52 -8.35 4.83
N ILE B 110 8.72 -9.48 5.51
CA ILE B 110 9.37 -9.51 6.79
C ILE B 110 10.79 -9.99 6.52
N LEU B 111 11.76 -9.33 7.11
CA LEU B 111 13.13 -9.77 6.97
C LEU B 111 13.89 -9.71 8.28
N ASN B 112 14.97 -10.46 8.33
CA ASN B 112 15.87 -10.50 9.47
C ASN B 112 17.17 -9.85 8.94
N THR B 113 17.48 -8.66 9.44
CA THR B 113 18.66 -7.95 8.95
C THR B 113 19.95 -8.61 9.33
N ASN B 114 19.95 -9.42 10.41
CA ASN B 114 21.16 -10.00 11.00
C ASN B 114 22.14 -8.91 11.49
N GLY B 115 21.64 -7.70 11.75
CA GLY B 115 22.48 -6.59 12.20
C GLY B 115 23.46 -6.07 11.17
N THR B 116 23.22 -6.33 9.87
CA THR B 116 24.13 -5.96 8.79
C THR B 116 23.82 -4.60 8.13
N LEU B 117 22.62 -4.03 8.39
CA LEU B 117 22.19 -2.80 7.75
C LEU B 117 22.21 -1.60 8.67
N THR B 118 22.67 -0.47 8.14
CA THR B 118 22.68 0.79 8.87
C THR B 118 21.58 1.65 8.27
N GLY B 119 20.82 2.33 9.14
CA GLY B 119 19.71 3.17 8.70
C GLY B 119 18.44 2.35 8.59
N GLN B 120 17.38 2.98 8.11
CA GLN B 120 16.06 2.35 7.97
C GLN B 120 15.35 2.94 6.77
N PRO B 121 14.51 2.16 6.07
CA PRO B 121 13.80 2.75 4.93
C PRO B 121 12.61 3.54 5.43
N LYS B 122 12.07 4.37 4.56
CA LYS B 122 10.92 5.21 4.88
C LYS B 122 9.82 4.92 3.91
N ALA B 123 8.56 5.09 4.35
CA ALA B 123 7.41 5.03 3.45
C ALA B 123 7.68 6.03 2.31
N GLY B 124 7.36 5.65 1.08
CA GLY B 124 7.63 6.47 -0.10
C GLY B 124 8.89 6.06 -0.84
N ASP B 125 9.78 5.32 -0.16
CA ASP B 125 10.97 4.79 -0.81
C ASP B 125 10.57 3.62 -1.73
N LEU B 126 11.44 3.32 -2.67
CA LEU B 126 11.25 2.18 -3.57
C LEU B 126 11.82 0.93 -2.89
N PHE B 127 11.40 -0.22 -3.40
CA PHE B 127 11.88 -1.52 -2.93
C PHE B 127 11.82 -2.54 -4.05
N LYS B 128 12.78 -3.46 -4.07
CA LYS B 128 12.83 -4.54 -5.04
C LYS B 128 13.43 -5.79 -4.36
N LEU B 129 13.02 -6.97 -4.81
CA LEU B 129 13.62 -8.25 -4.41
C LEU B 129 14.71 -8.53 -5.44
N SER B 130 15.86 -9.02 -4.99
CA SER B 130 17.01 -9.24 -5.86
C SER B 130 16.77 -10.23 -7.02
N THR B 131 15.82 -11.16 -6.87
CA THR B 131 15.58 -12.24 -7.84
C THR B 131 14.46 -11.97 -8.86
N HIS B 132 13.75 -10.84 -8.74
CA HIS B 132 12.59 -10.53 -9.58
C HIS B 132 12.56 -9.04 -9.98
N PRO B 133 12.13 -8.69 -11.22
CA PRO B 133 12.21 -7.28 -11.64
C PRO B 133 11.24 -6.28 -11.04
N LYS B 134 10.12 -6.73 -10.47
CA LYS B 134 9.09 -5.79 -10.01
C LYS B 134 9.59 -4.76 -9.01
N VAL B 135 9.21 -3.49 -9.22
CA VAL B 135 9.55 -2.42 -8.28
C VAL B 135 8.29 -2.12 -7.47
N TYR B 136 8.45 -1.94 -6.18
CA TYR B 136 7.37 -1.65 -5.23
C TYR B 136 7.65 -0.33 -4.56
N LYS B 137 6.62 0.24 -3.96
CA LYS B 137 6.76 1.39 -3.10
C LYS B 137 6.60 0.83 -1.68
N ILE B 138 7.40 1.32 -0.73
CA ILE B 138 7.28 1.02 0.67
C ILE B 138 6.14 1.90 1.22
N THR B 139 5.12 1.29 1.78
CA THR B 139 3.93 2.01 2.29
C THR B 139 4.00 2.28 3.80
N ASN B 140 4.72 1.42 4.49
CA ASN B 140 4.87 1.46 5.93
C ASN B 140 6.07 0.66 6.34
N PHE B 141 6.72 1.12 7.41
CA PHE B 141 7.84 0.41 8.00
C PHE B 141 7.67 0.35 9.51
N SER B 142 7.86 -0.84 10.09
CA SER B 142 7.94 -0.99 11.55
C SER B 142 9.03 -2.00 11.78
N SER B 143 9.59 -2.01 12.98
CA SER B 143 10.64 -2.95 13.28
C SER B 143 10.60 -3.38 14.74
N SER B 144 11.24 -4.49 15.01
CA SER B 144 11.46 -4.98 16.38
C SER B 144 12.86 -5.56 16.35
N GLY B 145 13.84 -4.75 16.73
CA GLY B 145 15.24 -5.14 16.64
C GLY B 145 15.60 -5.44 15.20
N ASN B 146 16.18 -6.64 14.92
CA ASN B 146 16.56 -7.04 13.55
C ASN B 146 15.39 -7.51 12.68
N VAL B 147 14.14 -7.51 13.21
CA VAL B 147 12.97 -7.85 12.42
C VAL B 147 12.50 -6.56 11.77
N TRP B 148 12.45 -6.53 10.45
CA TRP B 148 11.95 -5.39 9.69
C TRP B 148 10.68 -5.83 9.00
N ASN B 149 9.62 -5.03 9.16
CA ASN B 149 8.31 -5.27 8.60
C ASN B 149 8.09 -4.22 7.54
N ILE B 150 8.21 -4.61 6.28
CA ILE B 150 8.13 -3.66 5.15
C ILE B 150 6.83 -3.87 4.41
N SER B 151 5.91 -2.91 4.51
CA SER B 151 4.64 -3.02 3.80
C SER B 151 4.88 -2.45 2.41
N LEU B 152 4.30 -3.12 1.40
CA LEU B 152 4.53 -2.80 0.00
C LEU B 152 3.28 -2.54 -0.79
N TYR B 153 3.45 -1.76 -1.84
CA TYR B 153 2.43 -1.51 -2.86
C TYR B 153 3.11 -1.69 -4.21
N PRO B 154 2.54 -2.49 -5.15
CA PRO B 154 1.39 -3.41 -4.99
C PRO B 154 1.81 -4.62 -4.15
N ASP B 155 0.94 -5.65 -4.09
CA ASP B 155 1.27 -6.90 -3.40
C ASP B 155 2.41 -7.59 -4.10
N LEU B 156 3.13 -8.44 -3.39
CA LEU B 156 4.22 -9.21 -3.95
C LEU B 156 3.79 -9.97 -5.19
N PHE B 157 4.62 -9.91 -6.23
CA PHE B 157 4.38 -10.60 -7.50
C PHE B 157 4.78 -12.06 -7.42
N ILE B 158 5.57 -12.45 -6.40
CA ILE B 158 6.00 -13.82 -6.19
C ILE B 158 5.85 -14.22 -4.75
N THR B 159 5.89 -15.53 -4.49
CA THR B 159 5.95 -16.07 -3.13
C THR B 159 7.45 -16.22 -2.88
N THR B 160 7.96 -15.72 -1.76
CA THR B 160 9.39 -15.80 -1.50
C THR B 160 9.89 -17.27 -1.37
N THR B 161 11.09 -17.53 -1.86
CA THR B 161 11.74 -18.81 -1.80
C THR B 161 12.71 -18.90 -0.62
N GLY B 162 13.08 -17.76 -0.06
CA GLY B 162 14.05 -17.72 1.03
C GLY B 162 15.44 -17.32 0.55
N SER B 163 15.67 -17.30 -0.77
CA SER B 163 16.97 -16.91 -1.31
C SER B 163 16.98 -15.43 -1.72
N GLU B 164 15.87 -14.73 -1.59
CA GLU B 164 15.82 -13.33 -1.98
C GLU B 164 16.58 -12.44 -1.03
N LYS B 165 17.11 -11.33 -1.56
CA LYS B 165 17.77 -10.30 -0.79
C LYS B 165 17.08 -8.98 -1.08
N PRO B 166 16.94 -8.11 -0.09
CA PRO B 166 16.26 -6.85 -0.32
C PRO B 166 17.16 -5.91 -1.13
N VAL B 167 16.57 -5.03 -1.92
CA VAL B 167 17.26 -4.01 -2.70
C VAL B 167 16.63 -2.69 -2.39
N PHE B 168 17.41 -1.77 -1.80
CA PHE B 168 16.93 -0.40 -1.47
C PHE B 168 17.55 0.66 -2.39
N ASN B 169 18.79 0.46 -2.84
CA ASN B 169 19.53 1.45 -3.64
C ASN B 169 19.87 0.92 -5.01
N GLY B 170 19.96 1.84 -5.97
CA GLY B 170 20.32 1.52 -7.34
C GLY B 170 19.25 0.70 -8.02
N ILE B 171 17.99 0.90 -7.64
CA ILE B 171 16.87 0.16 -8.20
C ILE B 171 16.62 0.60 -9.64
N LEU B 172 16.57 -0.38 -10.54
CA LEU B 172 16.26 -0.14 -11.92
C LEU B 172 14.84 -0.64 -12.20
N PHE B 173 14.04 0.16 -12.91
CA PHE B 173 12.72 -0.27 -13.37
C PHE B 173 12.93 -0.96 -14.69
N ARG B 174 12.30 -2.12 -14.92
CA ARG B 174 12.43 -2.87 -16.17
C ARG B 174 11.23 -2.48 -17.00
N THR B 175 11.46 -1.78 -18.11
CA THR B 175 10.40 -1.19 -18.90
C THR B 175 10.46 -1.51 -20.37
N LYS B 176 9.37 -1.11 -21.04
CA LYS B 176 9.23 -1.13 -22.47
C LYS B 176 8.91 0.30 -22.89
N LEU B 177 9.43 0.67 -24.06
CA LEU B 177 9.20 1.99 -24.64
C LEU B 177 7.86 1.96 -25.37
N MET B 178 6.98 2.93 -25.11
CA MET B 178 5.68 2.95 -25.76
C MET B 178 5.66 3.91 -26.93
N THR B 192 20.65 22.64 -30.86
CA THR B 192 20.20 21.57 -29.93
C THR B 192 18.87 20.94 -30.37
N TYR B 193 18.45 19.90 -29.66
CA TYR B 193 17.20 19.16 -29.93
C TYR B 193 16.31 19.34 -28.71
N SER B 194 15.13 19.96 -28.91
CA SER B 194 14.15 20.25 -27.86
C SER B 194 12.98 19.26 -27.86
N GLY B 195 12.25 19.26 -26.76
CA GLY B 195 11.04 18.46 -26.58
C GLY B 195 11.16 16.95 -26.62
N ILE B 196 12.35 16.39 -26.32
CA ILE B 196 12.51 14.93 -26.35
C ILE B 196 11.95 14.38 -25.08
N SER B 197 11.14 13.36 -25.23
CA SER B 197 10.49 12.71 -24.11
C SER B 197 10.34 11.22 -24.39
N LEU B 198 10.22 10.43 -23.32
CA LEU B 198 10.02 8.99 -23.42
C LEU B 198 8.86 8.62 -22.53
N SER B 199 8.03 7.73 -23.02
CA SER B 199 6.91 7.16 -22.27
C SER B 199 7.24 5.70 -22.12
N LEU B 200 7.53 5.32 -20.89
CA LEU B 200 7.91 3.99 -20.56
C LEU B 200 6.85 3.35 -19.66
N ARG B 201 6.70 2.05 -19.80
CA ARG B 201 5.81 1.24 -19.00
C ARG B 201 6.63 0.10 -18.43
N GLU B 202 6.52 -0.10 -17.13
CA GLU B 202 7.11 -1.24 -16.48
C GLU B 202 6.53 -2.51 -17.14
N SER B 203 7.40 -3.45 -17.45
CA SER B 203 7.02 -4.69 -18.15
C SER B 203 7.68 -5.88 -17.47
N MET C 1 -17.96 28.10 -42.46
CA MET C 1 -19.27 27.56 -42.82
C MET C 1 -19.27 26.06 -42.78
N ARG C 2 -20.46 25.48 -42.67
CA ARG C 2 -20.67 24.03 -42.65
C ARG C 2 -20.69 23.52 -44.10
N LEU C 3 -19.89 22.47 -44.39
CA LEU C 3 -19.93 21.84 -45.71
C LEU C 3 -21.35 21.20 -45.78
N PRO C 4 -22.20 21.56 -46.75
CA PRO C 4 -23.54 20.96 -46.77
C PRO C 4 -23.49 19.45 -46.99
N ASP C 5 -24.40 18.72 -46.35
CA ASP C 5 -24.45 17.26 -46.45
C ASP C 5 -25.93 16.83 -46.36
N PRO C 6 -26.26 15.52 -46.35
CA PRO C 6 -27.68 15.14 -46.26
C PRO C 6 -28.32 15.41 -44.90
N TYR C 7 -27.55 15.82 -43.89
CA TYR C 7 -28.09 16.15 -42.57
C TYR C 7 -28.50 17.62 -42.58
N THR C 8 -27.69 18.50 -43.19
CA THR C 8 -28.06 19.92 -43.30
C THR C 8 -29.09 20.12 -44.41
N ASN C 9 -28.98 19.30 -45.46
CA ASN C 9 -29.81 19.40 -46.67
C ASN C 9 -30.24 18.01 -47.13
N PRO C 10 -31.23 17.39 -46.46
CA PRO C 10 -31.71 16.05 -46.89
C PRO C 10 -32.33 16.00 -48.29
N GLU C 11 -32.68 17.16 -48.87
CA GLU C 11 -33.15 17.23 -50.24
C GLU C 11 -32.06 16.86 -51.26
N TYR C 12 -30.76 16.82 -50.85
CA TYR C 12 -29.63 16.48 -51.73
C TYR C 12 -28.92 15.21 -51.21
N PRO C 13 -29.52 14.00 -51.38
CA PRO C 13 -28.88 12.78 -50.86
C PRO C 13 -27.51 12.47 -51.48
N GLY C 14 -27.23 13.00 -52.67
CA GLY C 14 -25.94 12.88 -53.31
C GLY C 14 -24.80 13.55 -52.58
N LEU C 15 -25.10 14.45 -51.60
CA LEU C 15 -24.06 15.06 -50.78
C LEU C 15 -23.57 14.13 -49.65
N GLY C 16 -24.16 12.92 -49.58
CA GLY C 16 -23.68 11.85 -48.70
C GLY C 16 -22.43 11.27 -49.32
N PHE C 17 -21.37 11.18 -48.56
CA PHE C 17 -20.05 10.71 -49.08
C PHE C 17 -20.03 9.25 -49.43
N GLU C 18 -19.31 8.92 -50.51
CA GLU C 18 -19.07 7.53 -50.84
C GLU C 18 -17.95 6.96 -50.03
N SER C 19 -16.89 7.74 -49.93
CA SER C 19 -15.69 7.31 -49.24
C SER C 19 -15.08 8.50 -48.56
N VAL C 20 -14.44 8.25 -47.46
CA VAL C 20 -13.72 9.23 -46.66
C VAL C 20 -12.44 8.58 -46.18
N ASN C 21 -11.32 9.24 -46.37
CA ASN C 21 -10.04 8.80 -45.77
C ASN C 21 -9.55 9.90 -44.83
N LEU C 22 -9.18 9.50 -43.59
CA LEU C 22 -8.65 10.37 -42.55
C LEU C 22 -7.16 10.11 -42.45
N VAL C 23 -6.36 11.12 -42.77
CA VAL C 23 -4.91 10.97 -42.86
C VAL C 23 -4.23 11.69 -41.72
N ASP C 24 -3.29 11.02 -41.08
CA ASP C 24 -2.52 11.60 -39.98
C ASP C 24 -1.30 12.34 -40.54
N ASN C 25 -1.24 13.67 -40.40
CA ASN C 25 -0.06 14.45 -40.81
C ASN C 25 0.71 14.80 -39.56
N ASP C 26 1.90 14.14 -39.45
CA ASP C 26 2.91 14.22 -38.38
C ASP C 26 2.48 13.41 -37.16
N ALA C 45 2.82 21.28 -35.84
CA ALA C 45 1.85 20.49 -35.05
C ALA C 45 1.06 19.50 -35.92
N GLN C 46 0.56 18.45 -35.28
CA GLN C 46 -0.22 17.41 -35.99
C GLN C 46 -1.50 18.00 -36.56
N TYR C 47 -1.94 17.47 -37.68
CA TYR C 47 -3.22 17.87 -38.27
C TYR C 47 -3.77 16.75 -39.09
N TRP C 48 -5.09 16.65 -39.12
CA TRP C 48 -5.77 15.65 -39.93
C TRP C 48 -5.97 16.15 -41.35
N GLY C 49 -5.76 15.25 -42.31
CA GLY C 49 -6.11 15.46 -43.70
C GLY C 49 -7.36 14.64 -43.97
N ILE C 50 -8.30 15.17 -44.73
CA ILE C 50 -9.56 14.50 -45.08
C ILE C 50 -9.74 14.43 -46.58
N ASN C 51 -9.95 13.23 -47.12
CA ASN C 51 -10.26 13.07 -48.54
C ASN C 51 -11.66 12.50 -48.68
N ILE C 52 -12.52 13.21 -49.39
CA ILE C 52 -13.92 12.86 -49.54
C ILE C 52 -14.24 12.66 -51.00
N SER C 53 -14.89 11.56 -51.32
CA SER C 53 -15.36 11.25 -52.67
C SER C 53 -16.86 11.21 -52.69
N TYR C 54 -17.45 11.87 -53.68
CA TYR C 54 -18.90 11.91 -53.83
C TYR C 54 -19.37 10.85 -54.83
N PRO C 55 -20.64 10.45 -54.71
CA PRO C 55 -21.23 9.66 -55.80
C PRO C 55 -21.49 10.61 -56.98
N GLU C 56 -22.10 10.13 -58.06
CA GLU C 56 -22.48 11.02 -59.16
C GLU C 56 -23.53 12.00 -58.60
N LEU C 57 -23.40 13.29 -58.87
CA LEU C 57 -24.31 14.31 -58.37
C LEU C 57 -25.29 14.74 -59.45
N PHE C 58 -26.55 14.96 -59.06
CA PHE C 58 -27.53 15.49 -59.97
C PHE C 58 -27.26 17.00 -60.13
N PRO C 59 -27.76 17.64 -61.19
CA PRO C 59 -27.45 19.08 -61.41
C PRO C 59 -27.78 19.99 -60.24
N ASP C 60 -28.94 19.80 -59.59
CA ASP C 60 -29.30 20.63 -58.42
C ASP C 60 -28.31 20.46 -57.25
N GLU C 61 -27.81 19.23 -57.05
CA GLU C 61 -26.87 18.92 -55.95
C GLU C 61 -25.52 19.56 -56.22
N TYR C 62 -25.03 19.37 -57.45
CA TYR C 62 -23.76 19.91 -57.88
C TYR C 62 -23.80 21.44 -57.79
N ALA C 63 -24.88 22.06 -58.31
CA ALA C 63 -25.03 23.53 -58.29
C ALA C 63 -25.02 24.08 -56.87
N PHE C 64 -25.72 23.39 -55.94
CA PHE C 64 -25.75 23.81 -54.55
C PHE C 64 -24.37 23.71 -53.88
N LEU C 65 -23.68 22.58 -54.07
CA LEU C 65 -22.34 22.38 -53.50
C LEU C 65 -21.38 23.41 -54.10
N ASP C 66 -21.44 23.63 -55.41
CA ASP C 66 -20.60 24.58 -56.11
C ASP C 66 -20.82 25.99 -55.58
N SER C 67 -22.10 26.40 -55.41
CA SER C 67 -22.41 27.73 -54.89
C SER C 67 -21.82 27.92 -53.49
N ARG C 68 -21.92 26.88 -52.63
CA ARG C 68 -21.38 26.96 -51.26
C ARG C 68 -19.84 27.03 -51.25
N LEU C 69 -19.16 26.23 -52.11
CA LEU C 69 -17.68 26.28 -52.18
C LEU C 69 -17.18 27.61 -52.79
N LEU C 70 -17.98 28.20 -53.69
CA LEU C 70 -17.63 29.51 -54.29
C LEU C 70 -17.73 30.59 -53.19
N GLU C 71 -18.76 30.53 -52.32
CA GLU C 71 -18.89 31.50 -51.23
C GLU C 71 -17.74 31.32 -50.24
N TYR C 72 -17.38 30.06 -49.96
CA TYR C 72 -16.27 29.77 -49.06
C TYR C 72 -14.99 30.44 -49.60
N LYS C 73 -14.71 30.26 -50.91
CA LYS C 73 -13.52 30.83 -51.54
C LYS C 73 -13.52 32.38 -51.42
N ARG C 74 -14.67 33.02 -51.75
CA ARG C 74 -14.85 34.49 -51.71
C ARG C 74 -14.71 35.09 -50.32
N THR C 75 -15.32 34.48 -49.31
CA THR C 75 -15.27 34.96 -47.92
C THR C 75 -13.99 34.55 -47.13
N GLY C 76 -13.11 33.70 -47.68
CA GLY C 76 -11.90 33.26 -46.97
C GLY C 76 -12.17 32.52 -45.67
N ASP C 77 -13.32 31.85 -45.58
CA ASP C 77 -13.77 31.15 -44.38
C ASP C 77 -13.03 29.80 -44.17
N TYR C 78 -13.43 29.06 -43.14
CA TYR C 78 -13.05 27.69 -42.88
C TYR C 78 -14.24 26.86 -43.40
N LEU C 79 -14.03 25.55 -43.54
CA LEU C 79 -15.07 24.60 -43.93
C LEU C 79 -15.19 23.61 -42.79
N ASP C 80 -16.32 23.60 -42.11
CA ASP C 80 -16.58 22.64 -41.04
C ASP C 80 -17.21 21.38 -41.65
N VAL C 81 -16.67 20.19 -41.35
CA VAL C 81 -17.16 18.92 -41.91
C VAL C 81 -17.42 17.84 -40.85
N LEU C 82 -18.55 17.17 -41.00
CA LEU C 82 -18.99 16.00 -40.23
C LEU C 82 -18.62 14.76 -41.05
N LEU C 83 -17.97 13.77 -40.44
CA LEU C 83 -17.59 12.51 -41.07
C LEU C 83 -18.50 11.40 -40.48
N PRO C 84 -19.60 11.06 -41.20
CA PRO C 84 -20.55 10.07 -40.68
C PRO C 84 -19.99 8.69 -40.35
N GLN C 85 -18.82 8.26 -40.88
CA GLN C 85 -18.23 6.94 -40.52
C GLN C 85 -17.85 6.88 -39.03
N TYR C 86 -17.63 8.03 -38.37
CA TYR C 86 -17.25 8.05 -36.94
C TYR C 86 -18.42 8.31 -36.02
N GLU C 87 -19.63 8.33 -36.56
CA GLU C 87 -20.82 8.58 -35.81
C GLU C 87 -21.30 7.25 -35.19
N ALA C 88 -20.62 6.75 -34.13
CA ALA C 88 -21.02 5.46 -33.52
C ALA C 88 -21.97 5.63 -32.35
N PHE C 89 -22.13 6.86 -31.80
CA PHE C 89 -23.02 7.13 -30.66
C PHE C 89 -22.76 6.08 -29.54
N ARG C 90 -21.48 5.77 -29.24
CA ARG C 90 -21.08 4.84 -28.16
C ARG C 90 -21.23 5.50 -26.78
N VAL C 91 -21.26 6.85 -26.71
CA VAL C 91 -21.42 7.59 -25.48
C VAL C 91 -22.62 8.50 -25.64
N ARG C 92 -23.58 8.36 -24.74
CA ARG C 92 -24.81 9.12 -24.79
C ARG C 92 -25.13 9.83 -23.52
N GLY C 93 -25.95 10.85 -23.64
CA GLY C 93 -26.41 11.63 -22.49
C GLY C 93 -26.05 13.07 -22.55
N ASP C 94 -26.35 13.72 -21.43
CA ASP C 94 -26.13 15.13 -21.20
C ASP C 94 -24.67 15.43 -20.87
N THR C 95 -23.98 15.97 -21.87
CA THR C 95 -22.56 16.33 -21.78
C THR C 95 -22.35 17.73 -21.12
N LYS C 96 -23.43 18.50 -20.88
CA LYS C 96 -23.43 19.84 -20.22
C LYS C 96 -23.10 19.74 -18.73
N SER C 97 -23.47 18.63 -18.08
CA SER C 97 -23.27 18.41 -16.64
C SER C 97 -21.93 17.70 -16.32
N VAL C 98 -21.16 17.34 -17.35
CA VAL C 98 -19.86 16.68 -17.19
C VAL C 98 -18.82 17.73 -16.84
N THR C 99 -17.89 17.39 -15.94
CA THR C 99 -16.84 18.33 -15.55
C THR C 99 -15.50 17.85 -16.04
N ILE C 100 -14.74 18.75 -16.63
CA ILE C 100 -13.38 18.49 -17.07
C ILE C 100 -12.54 19.41 -16.20
N PRO C 101 -11.78 18.86 -15.25
CA PRO C 101 -10.96 19.71 -14.39
C PRO C 101 -9.94 20.55 -15.16
N ALA C 102 -9.66 21.75 -14.66
CA ALA C 102 -8.71 22.70 -15.25
C ALA C 102 -7.27 22.24 -15.06
N GLY C 103 -6.39 22.83 -15.88
CA GLY C 103 -4.95 22.62 -15.82
C GLY C 103 -4.40 21.38 -16.49
N GLN C 104 -5.23 20.60 -17.15
CA GLN C 104 -4.77 19.38 -17.82
C GLN C 104 -4.15 19.69 -19.15
N LYS C 105 -3.05 19.01 -19.47
CA LYS C 105 -2.39 19.03 -20.74
C LYS C 105 -1.79 17.64 -20.93
N GLY C 106 -1.16 17.41 -22.06
CA GLY C 106 -0.56 16.13 -22.36
C GLY C 106 -1.48 15.22 -23.14
N SER C 107 -1.26 13.91 -23.00
CA SER C 107 -1.95 12.88 -23.77
C SER C 107 -3.23 12.32 -23.13
N GLN C 108 -3.54 12.66 -21.88
CA GLN C 108 -4.77 12.18 -21.22
C GLN C 108 -5.71 13.33 -20.89
N ILE C 109 -7.00 13.07 -21.00
CA ILE C 109 -8.03 13.97 -20.56
C ILE C 109 -8.87 13.22 -19.52
N ILE C 110 -9.00 13.80 -18.32
CA ILE C 110 -9.80 13.23 -17.25
C ILE C 110 -11.13 13.99 -17.15
N LEU C 111 -12.23 13.26 -17.13
CA LEU C 111 -13.60 13.78 -16.99
C LEU C 111 -14.18 13.23 -15.67
N ASN C 112 -15.08 13.98 -15.04
CA ASN C 112 -15.98 13.53 -13.99
C ASN C 112 -17.35 13.55 -14.70
N THR C 113 -17.92 12.37 -14.99
CA THR C 113 -19.18 12.27 -15.75
C THR C 113 -20.37 12.76 -14.95
N ASN C 114 -20.25 12.80 -13.58
CA ASN C 114 -21.35 13.14 -12.68
C ASN C 114 -22.52 12.14 -12.85
N GLY C 115 -22.21 10.94 -13.35
CA GLY C 115 -23.18 9.87 -13.60
C GLY C 115 -24.17 10.14 -14.72
N THR C 116 -23.91 11.13 -15.59
CA THR C 116 -24.85 11.53 -16.60
C THR C 116 -24.61 10.90 -17.97
N LEU C 117 -23.50 10.19 -18.15
CA LEU C 117 -23.20 9.55 -19.43
C LEU C 117 -23.36 8.04 -19.38
N THR C 118 -23.92 7.47 -20.44
CA THR C 118 -24.13 6.03 -20.57
C THR C 118 -23.20 5.58 -21.70
N GLY C 119 -22.74 4.35 -21.62
CA GLY C 119 -21.83 3.80 -22.60
C GLY C 119 -20.43 4.27 -22.33
N GLN C 120 -19.50 3.90 -23.18
CA GLN C 120 -18.09 4.28 -23.00
C GLN C 120 -17.44 4.42 -24.37
N PRO C 121 -16.45 5.30 -24.51
CA PRO C 121 -15.80 5.41 -25.83
C PRO C 121 -14.82 4.25 -26.05
N LYS C 122 -14.44 3.99 -27.31
CA LYS C 122 -13.52 2.92 -27.74
C LYS C 122 -12.35 3.52 -28.49
N ALA C 123 -11.17 2.91 -28.35
CA ALA C 123 -9.99 3.34 -29.10
C ALA C 123 -10.32 3.39 -30.61
N GLY C 124 -9.92 4.45 -31.28
CA GLY C 124 -10.25 4.66 -32.68
C GLY C 124 -11.39 5.66 -32.86
N ASP C 125 -12.18 5.91 -31.80
CA ASP C 125 -13.24 6.92 -31.83
C ASP C 125 -12.62 8.32 -31.84
N LEU C 126 -13.40 9.32 -32.29
CA LEU C 126 -12.96 10.70 -32.29
C LEU C 126 -13.29 11.34 -30.95
N PHE C 127 -12.65 12.46 -30.66
CA PHE C 127 -12.90 13.27 -29.47
C PHE C 127 -12.59 14.71 -29.74
N LYS C 128 -13.35 15.60 -29.12
CA LYS C 128 -13.12 17.04 -29.22
C LYS C 128 -13.56 17.69 -27.92
N LEU C 129 -12.89 18.80 -27.59
CA LEU C 129 -13.28 19.66 -26.46
C LEU C 129 -14.23 20.70 -27.05
N SER C 130 -15.32 21.00 -26.33
CA SER C 130 -16.35 21.93 -26.83
C SER C 130 -15.85 23.34 -27.17
N THR C 131 -14.77 23.80 -26.52
CA THR C 131 -14.26 25.18 -26.64
C THR C 131 -13.15 25.40 -27.65
N HIS C 132 -12.63 24.33 -28.27
CA HIS C 132 -11.48 24.43 -29.17
C HIS C 132 -11.69 23.53 -30.40
N PRO C 133 -11.24 23.95 -31.60
CA PRO C 133 -11.56 23.17 -32.81
C PRO C 133 -10.84 21.85 -33.01
N LYS C 134 -9.71 21.62 -32.34
CA LYS C 134 -8.92 20.43 -32.61
C LYS C 134 -9.70 19.13 -32.40
N VAL C 135 -9.58 18.21 -33.36
CA VAL C 135 -10.17 16.87 -33.25
C VAL C 135 -9.04 15.91 -32.90
N TYR C 136 -9.31 14.99 -31.98
CA TYR C 136 -8.36 13.97 -31.52
C TYR C 136 -8.93 12.60 -31.79
N LYS C 137 -8.04 11.60 -31.84
CA LYS C 137 -8.41 10.20 -31.87
C LYS C 137 -8.15 9.66 -30.45
N ILE C 138 -9.07 8.85 -29.98
CA ILE C 138 -8.97 8.15 -28.70
C ILE C 138 -8.08 6.92 -28.90
N THR C 139 -7.03 6.79 -28.10
CA THR C 139 -6.11 5.66 -28.20
C THR C 139 -6.33 4.62 -27.12
N ASN C 140 -6.98 5.02 -26.03
CA ASN C 140 -7.24 4.11 -24.93
C ASN C 140 -8.32 4.72 -24.05
N PHE C 141 -8.98 3.88 -23.27
CA PHE C 141 -9.98 4.31 -22.30
C PHE C 141 -9.94 3.44 -21.05
N SER C 142 -10.01 4.08 -19.88
CA SER C 142 -10.14 3.38 -18.60
C SER C 142 -11.05 4.24 -17.72
N SER C 143 -11.66 3.62 -16.74
CA SER C 143 -12.51 4.36 -15.83
C SER C 143 -12.51 3.80 -14.43
N SER C 144 -12.90 4.62 -13.47
CA SER C 144 -13.08 4.24 -12.08
C SER C 144 -14.34 4.99 -11.65
N GLY C 145 -15.47 4.31 -11.71
CA GLY C 145 -16.76 4.93 -11.44
C GLY C 145 -17.00 6.07 -12.41
N ASN C 146 -17.29 7.29 -11.88
CA ASN C 146 -17.52 8.47 -12.73
C ASN C 146 -16.24 9.16 -13.22
N VAL C 147 -15.06 8.61 -12.91
CA VAL C 147 -13.80 9.14 -13.40
C VAL C 147 -13.53 8.43 -14.71
N TRP C 148 -13.43 9.19 -15.79
CA TRP C 148 -13.07 8.66 -17.12
C TRP C 148 -11.71 9.20 -17.48
N ASN C 149 -10.85 8.33 -17.97
CA ASN C 149 -9.51 8.68 -18.39
C ASN C 149 -9.41 8.32 -19.87
N ILE C 150 -9.41 9.34 -20.73
CA ILE C 150 -9.39 9.16 -22.17
C ILE C 150 -8.01 9.49 -22.67
N SER C 151 -7.32 8.51 -23.26
CA SER C 151 -6.00 8.81 -23.83
C SER C 151 -6.25 9.32 -25.23
N LEU C 152 -5.50 10.35 -25.62
CA LEU C 152 -5.71 11.04 -26.89
C LEU C 152 -4.46 11.08 -27.76
N TYR C 153 -4.71 11.19 -29.06
CA TYR C 153 -3.71 11.41 -30.09
C TYR C 153 -4.26 12.53 -31.00
N PRO C 154 -3.49 13.61 -31.27
CA PRO C 154 -2.19 13.97 -30.68
C PRO C 154 -2.40 14.47 -29.24
N ASP C 155 -1.36 15.05 -28.62
CA ASP C 155 -1.49 15.63 -27.28
C ASP C 155 -2.42 16.83 -27.33
N LEU C 156 -3.01 17.18 -26.21
CA LEU C 156 -3.89 18.34 -26.11
C LEU C 156 -3.24 19.59 -26.65
N PHE C 157 -3.99 20.36 -27.46
CA PHE C 157 -3.53 21.62 -28.04
C PHE C 157 -3.65 22.77 -27.06
N ILE C 158 -4.43 22.60 -25.98
CA ILE C 158 -4.61 23.62 -24.96
C ILE C 158 -4.48 23.01 -23.59
N THR C 159 -4.28 23.87 -22.59
CA THR C 159 -4.33 23.49 -21.20
C THR C 159 -5.79 23.76 -20.82
N THR C 160 -6.47 22.78 -20.22
CA THR C 160 -7.89 22.96 -19.89
C THR C 160 -8.12 24.11 -18.90
N THR C 161 -9.23 24.83 -19.07
CA THR C 161 -9.64 25.92 -18.20
C THR C 161 -10.67 25.47 -17.16
N GLY C 162 -11.29 24.32 -17.37
CA GLY C 162 -12.32 23.81 -16.49
C GLY C 162 -13.72 24.04 -17.02
N SER C 163 -13.86 24.85 -18.08
CA SER C 163 -15.17 25.14 -18.66
C SER C 163 -15.45 24.23 -19.87
N GLU C 164 -14.49 23.34 -20.28
CA GLU C 164 -14.70 22.47 -21.44
C GLU C 164 -15.70 21.37 -21.15
N LYS C 165 -16.38 20.95 -22.19
CA LYS C 165 -17.28 19.81 -22.15
C LYS C 165 -16.76 18.83 -23.19
N PRO C 166 -16.87 17.53 -22.92
CA PRO C 166 -16.39 16.55 -23.89
C PRO C 166 -17.38 16.45 -25.04
N VAL C 167 -16.90 16.16 -26.23
CA VAL C 167 -17.74 15.97 -27.41
C VAL C 167 -17.34 14.63 -28.02
N PHE C 168 -18.28 13.69 -28.08
CA PHE C 168 -18.08 12.37 -28.70
C PHE C 168 -18.83 12.22 -30.03
N ASN C 169 -19.99 12.85 -30.16
CA ASN C 169 -20.88 12.73 -31.32
C ASN C 169 -21.06 14.05 -32.00
N GLY C 170 -21.32 14.02 -33.30
CA GLY C 170 -21.55 15.22 -34.09
C GLY C 170 -20.34 16.10 -34.22
N ILE C 171 -19.14 15.51 -34.16
CA ILE C 171 -17.88 16.24 -34.22
C ILE C 171 -17.67 16.84 -35.60
N LEU C 172 -17.38 18.13 -35.67
CA LEU C 172 -17.04 18.79 -36.91
C LEU C 172 -15.53 19.08 -36.95
N PHE C 173 -14.87 18.78 -38.07
CA PHE C 173 -13.46 19.11 -38.28
C PHE C 173 -13.45 20.49 -38.90
N ARG C 174 -12.58 21.37 -38.45
CA ARG C 174 -12.46 22.73 -38.99
C ARG C 174 -11.31 22.68 -39.98
N THR C 175 -11.60 22.97 -41.24
CA THR C 175 -10.63 22.78 -42.32
C THR C 175 -10.53 23.89 -43.34
N LYS C 176 -9.52 23.72 -44.22
CA LYS C 176 -9.31 24.54 -45.41
C LYS C 176 -9.34 23.60 -46.59
N LEU C 177 -9.93 24.05 -47.68
CA LEU C 177 -9.99 23.28 -48.92
C LEU C 177 -8.63 23.35 -49.60
N MET C 178 -8.03 22.18 -49.91
CA MET C 178 -6.72 22.05 -50.58
C MET C 178 -6.78 21.88 -52.12
N ASN C 179 -7.88 21.33 -52.65
CA ASN C 179 -8.00 21.09 -54.09
C ASN C 179 -9.09 21.95 -54.79
N GLY C 180 -9.27 23.19 -54.34
CA GLY C 180 -10.20 24.10 -55.00
C GLY C 180 -9.85 24.30 -56.47
N ASP C 181 -8.55 24.25 -56.81
CA ASP C 181 -8.09 24.39 -58.18
C ASP C 181 -8.43 23.19 -59.08
N SER C 182 -8.83 22.05 -58.50
CA SER C 182 -9.26 20.91 -59.28
C SER C 182 -10.70 20.52 -58.94
N PHE C 183 -11.48 21.44 -58.33
CA PHE C 183 -12.86 21.18 -58.06
C PHE C 183 -13.72 21.44 -59.29
N GLY C 184 -14.71 20.60 -59.52
CA GLY C 184 -15.69 20.80 -60.56
C GLY C 184 -15.82 19.65 -61.50
N SER C 185 -16.86 19.69 -62.33
CA SER C 185 -17.12 18.61 -63.28
C SER C 185 -17.97 19.11 -64.42
N THR C 186 -18.22 18.26 -65.38
CA THR C 186 -19.03 18.59 -66.56
C THR C 186 -20.16 17.59 -66.63
N LEU C 187 -21.30 18.01 -67.15
CA LEU C 187 -22.47 17.14 -67.30
C LEU C 187 -22.11 15.94 -68.21
N ASN C 188 -22.33 14.71 -67.73
CA ASN C 188 -22.01 13.50 -68.49
C ASN C 188 -23.25 13.10 -69.30
N ASN C 189 -23.21 11.95 -70.01
CA ASN C 189 -24.35 11.50 -70.82
C ASN C 189 -25.55 11.05 -69.99
N ASN C 190 -25.36 10.76 -68.67
CA ASN C 190 -26.46 10.37 -67.79
C ASN C 190 -27.14 11.58 -67.12
N GLY C 191 -26.69 12.79 -67.43
CA GLY C 191 -27.25 14.00 -66.84
C GLY C 191 -26.81 14.23 -65.41
N THR C 192 -25.63 13.70 -65.03
CA THR C 192 -25.07 13.87 -63.69
C THR C 192 -23.62 14.39 -63.83
N TYR C 193 -22.99 14.69 -62.68
CA TYR C 193 -21.62 15.22 -62.54
C TYR C 193 -20.81 14.18 -61.76
N SER C 194 -19.84 13.56 -62.42
CA SER C 194 -19.00 12.50 -61.86
C SER C 194 -17.67 13.07 -61.34
N GLY C 195 -17.01 12.27 -60.52
CA GLY C 195 -15.66 12.54 -60.02
C GLY C 195 -15.46 13.70 -59.10
N ILE C 196 -16.52 14.15 -58.41
CA ILE C 196 -16.40 15.25 -57.47
C ILE C 196 -15.74 14.69 -56.21
N SER C 197 -14.71 15.39 -55.76
CA SER C 197 -13.97 15.04 -54.55
C SER C 197 -13.45 16.30 -53.87
N LEU C 198 -13.26 16.22 -52.55
CA LEU C 198 -12.74 17.32 -51.75
C LEU C 198 -11.58 16.83 -50.91
N SER C 199 -10.51 17.61 -50.91
CA SER C 199 -9.29 17.35 -50.15
C SER C 199 -9.20 18.49 -49.14
N LEU C 200 -9.33 18.17 -47.85
CA LEU C 200 -9.36 19.13 -46.74
C LEU C 200 -8.21 18.92 -45.78
N ARG C 201 -7.77 20.04 -45.18
CA ARG C 201 -6.68 20.07 -44.26
C ARG C 201 -7.22 20.70 -43.00
N GLU C 202 -7.12 20.02 -41.86
CA GLU C 202 -7.50 20.61 -40.59
C GLU C 202 -6.63 21.87 -40.37
N SER C 203 -7.24 23.01 -40.01
CA SER C 203 -6.52 24.28 -39.81
C SER C 203 -6.75 24.83 -38.42
N MET D 1 -14.51 8.85 21.96
CA MET D 1 -13.85 9.89 22.73
C MET D 1 -12.36 9.97 22.34
N ARG D 2 -11.80 11.09 22.58
CA ARG D 2 -10.43 11.43 22.20
C ARG D 2 -9.42 11.00 23.28
N LEU D 3 -8.34 10.31 22.89
CA LEU D 3 -7.28 9.97 23.82
C LEU D 3 -6.64 11.34 24.20
N PRO D 4 -6.64 11.74 25.48
CA PRO D 4 -6.08 13.05 25.82
C PRO D 4 -4.58 13.13 25.50
N ASP D 5 -4.16 14.29 25.03
CA ASP D 5 -2.77 14.50 24.63
C ASP D 5 -2.42 15.98 24.93
N PRO D 6 -1.22 16.47 24.57
CA PRO D 6 -0.89 17.87 24.89
C PRO D 6 -1.65 18.89 24.05
N TYR D 7 -2.42 18.46 23.03
CA TYR D 7 -3.22 19.37 22.22
C TYR D 7 -4.59 19.53 22.86
N THR D 8 -5.17 18.45 23.40
CA THR D 8 -6.45 18.56 24.12
C THR D 8 -6.22 19.12 25.53
N ASN D 9 -5.07 18.78 26.11
CA ASN D 9 -4.73 19.14 27.49
C ASN D 9 -3.27 19.56 27.58
N PRO D 10 -2.96 20.79 27.12
CA PRO D 10 -1.57 21.28 27.22
C PRO D 10 -1.01 21.42 28.64
N GLU D 11 -1.88 21.39 29.67
CA GLU D 11 -1.46 21.35 31.07
C GLU D 11 -0.74 20.04 31.43
N TYR D 12 -0.85 18.98 30.59
CA TYR D 12 -0.21 17.68 30.81
C TYR D 12 0.77 17.36 29.67
N PRO D 13 1.95 18.03 29.63
CA PRO D 13 2.91 17.78 28.54
C PRO D 13 3.41 16.34 28.46
N GLY D 14 3.35 15.61 29.58
CA GLY D 14 3.74 14.20 29.64
C GLY D 14 2.86 13.30 28.81
N LEU D 15 1.66 13.76 28.44
CA LEU D 15 0.79 12.99 27.53
C LEU D 15 1.28 13.02 26.05
N GLY D 16 2.37 13.76 25.75
CA GLY D 16 3.03 13.74 24.45
C GLY D 16 3.81 12.43 24.37
N PHE D 17 3.57 11.59 23.36
CA PHE D 17 4.24 10.26 23.18
C PHE D 17 5.75 10.31 23.06
N GLU D 18 6.46 9.44 23.81
CA GLU D 18 7.92 9.32 23.76
C GLU D 18 8.27 8.56 22.46
N SER D 19 7.46 7.56 22.09
CA SER D 19 7.63 6.81 20.85
C SER D 19 6.26 6.24 20.39
N VAL D 20 6.10 6.07 19.05
CA VAL D 20 4.89 5.56 18.39
C VAL D 20 5.32 4.59 17.29
N ASN D 21 4.78 3.36 17.27
CA ASN D 21 5.03 2.42 16.17
C ASN D 21 3.67 2.21 15.45
N LEU D 22 3.57 2.52 14.12
CA LEU D 22 2.36 2.30 13.34
C LEU D 22 2.58 0.94 12.69
N VAL D 23 1.77 -0.05 13.08
CA VAL D 23 1.94 -1.43 12.64
C VAL D 23 0.88 -1.81 11.64
N ASP D 24 1.29 -2.44 10.54
CA ASP D 24 0.38 -2.88 9.51
C ASP D 24 -0.11 -4.30 9.83
N ASN D 25 -1.40 -4.45 10.15
CA ASN D 25 -1.99 -5.79 10.36
C ASN D 25 -2.78 -6.17 9.14
N ASP D 26 -2.41 -7.24 8.45
CA ASP D 26 -3.16 -7.70 7.28
C ASP D 26 -3.48 -9.18 7.47
N ALA D 45 -9.63 -6.33 5.19
CA ALA D 45 -9.63 -6.51 6.64
C ALA D 45 -8.36 -5.94 7.32
N GLN D 46 -7.59 -5.14 6.58
CA GLN D 46 -6.38 -4.50 7.10
C GLN D 46 -6.76 -3.54 8.22
N TYR D 47 -5.90 -3.43 9.22
CA TYR D 47 -6.09 -2.44 10.27
C TYR D 47 -4.74 -2.01 10.81
N TRP D 48 -4.66 -0.75 11.23
CA TRP D 48 -3.45 -0.24 11.84
C TRP D 48 -3.42 -0.55 13.32
N GLY D 49 -2.24 -0.93 13.81
CA GLY D 49 -1.95 -1.08 15.23
C GLY D 49 -1.10 0.10 15.64
N ILE D 50 -1.40 0.67 16.80
CA ILE D 50 -0.66 1.83 17.32
C ILE D 50 -0.19 1.45 18.74
N ASN D 51 1.11 1.44 18.92
CA ASN D 51 1.77 1.15 20.17
C ASN D 51 2.36 2.45 20.63
N ILE D 52 1.89 2.97 21.76
CA ILE D 52 2.33 4.24 22.33
C ILE D 52 3.14 4.02 23.58
N SER D 53 4.31 4.66 23.65
CA SER D 53 5.13 4.66 24.85
C SER D 53 5.18 6.09 25.39
N TYR D 54 4.90 6.26 26.66
CA TYR D 54 4.90 7.56 27.29
C TYR D 54 6.23 7.84 27.98
N PRO D 55 6.57 9.12 28.17
CA PRO D 55 7.71 9.46 29.02
C PRO D 55 7.25 9.23 30.47
N GLU D 56 8.10 9.55 31.45
CA GLU D 56 7.67 9.42 32.85
C GLU D 56 6.53 10.43 33.06
N LEU D 57 5.42 9.99 33.69
CA LEU D 57 4.26 10.83 33.92
C LEU D 57 4.22 11.31 35.35
N PHE D 58 3.85 12.58 35.54
CA PHE D 58 3.64 13.10 36.87
C PHE D 58 2.30 12.53 37.39
N PRO D 59 2.09 12.50 38.72
CA PRO D 59 0.85 11.93 39.26
C PRO D 59 -0.44 12.49 38.66
N ASP D 60 -0.55 13.81 38.46
CA ASP D 60 -1.76 14.40 37.86
CA ASP D 60 -1.75 14.40 37.87
C ASP D 60 -1.98 13.93 36.44
N GLU D 61 -0.90 13.74 35.64
CA GLU D 61 -0.97 13.30 34.24
C GLU D 61 -1.44 11.86 34.18
N TYR D 62 -0.81 11.00 34.99
CA TYR D 62 -1.16 9.60 35.10
C TYR D 62 -2.61 9.44 35.53
N ALA D 63 -3.03 10.17 36.58
CA ALA D 63 -4.39 10.11 37.10
C ALA D 63 -5.40 10.50 36.03
N PHE D 64 -5.10 11.57 35.27
CA PHE D 64 -6.01 12.04 34.23
C PHE D 64 -6.13 11.01 33.09
N LEU D 65 -5.01 10.47 32.62
CA LEU D 65 -4.99 9.44 31.58
C LEU D 65 -5.76 8.21 32.07
N ASP D 66 -5.49 7.77 33.31
CA ASP D 66 -6.14 6.62 33.91
C ASP D 66 -7.67 6.86 33.95
N SER D 67 -8.10 8.10 34.34
CA SER D 67 -9.53 8.45 34.42
C SER D 67 -10.21 8.47 33.04
N ARG D 68 -9.53 8.97 31.99
CA ARG D 68 -10.13 8.98 30.66
C ARG D 68 -10.21 7.57 30.08
N LEU D 69 -9.24 6.69 30.38
CA LEU D 69 -9.32 5.29 29.89
C LEU D 69 -10.45 4.55 30.63
N LEU D 70 -10.76 4.97 31.85
CA LEU D 70 -11.86 4.39 32.62
C LEU D 70 -13.20 4.88 32.01
N GLU D 71 -13.29 6.19 31.64
CA GLU D 71 -14.49 6.73 30.97
C GLU D 71 -14.71 5.95 29.66
N TYR D 72 -13.63 5.73 28.93
CA TYR D 72 -13.66 4.97 27.70
C TYR D 72 -14.23 3.54 27.95
N LYS D 73 -13.78 2.82 28.96
CA LYS D 73 -14.30 1.48 29.23
C LYS D 73 -15.79 1.54 29.62
N ARG D 74 -16.16 2.50 30.51
CA ARG D 74 -17.53 2.61 31.04
C ARG D 74 -18.53 2.95 29.96
N THR D 75 -18.17 3.87 29.07
CA THR D 75 -19.01 4.21 27.95
C THR D 75 -18.68 3.10 26.96
N GLY D 76 -19.47 2.86 25.96
CA GLY D 76 -19.03 1.81 25.03
C GLY D 76 -18.38 2.40 23.80
N ASP D 77 -17.60 3.51 23.92
CA ASP D 77 -17.16 4.15 22.71
C ASP D 77 -15.71 3.86 22.34
N TYR D 78 -15.31 4.41 21.21
CA TYR D 78 -13.99 4.23 20.64
C TYR D 78 -13.06 5.24 21.25
N LEU D 79 -11.77 5.03 20.99
CA LEU D 79 -10.71 5.91 21.39
C LEU D 79 -10.06 6.48 20.15
N ASP D 80 -10.28 7.77 19.93
CA ASP D 80 -9.74 8.51 18.77
C ASP D 80 -8.35 9.00 19.13
N VAL D 81 -7.35 8.74 18.25
CA VAL D 81 -5.98 9.08 18.52
C VAL D 81 -5.35 9.93 17.39
N LEU D 82 -4.71 11.06 17.77
CA LEU D 82 -3.93 11.88 16.83
C LEU D 82 -2.47 11.45 16.96
N LEU D 83 -1.78 11.22 15.83
CA LEU D 83 -0.36 10.90 15.82
C LEU D 83 0.38 12.13 15.24
N PRO D 84 0.90 13.03 16.09
CA PRO D 84 1.50 14.28 15.57
C PRO D 84 2.70 14.12 14.66
N GLN D 85 3.37 12.95 14.68
CA GLN D 85 4.49 12.68 13.76
C GLN D 85 4.01 12.74 12.27
N TYR D 86 2.70 12.60 11.97
CA TYR D 86 2.17 12.69 10.60
C TYR D 86 1.52 14.06 10.26
N GLU D 87 1.57 15.00 11.20
CA GLU D 87 0.98 16.32 10.95
C GLU D 87 1.96 17.23 10.24
N ALA D 88 2.06 17.10 8.92
CA ALA D 88 2.99 17.93 8.14
C ALA D 88 2.33 19.20 7.56
N PHE D 89 0.99 19.27 7.52
CA PHE D 89 0.27 20.39 6.90
C PHE D 89 0.82 20.72 5.51
N ARG D 90 1.04 19.69 4.71
CA ARG D 90 1.57 19.81 3.36
C ARG D 90 0.52 20.27 2.39
N VAL D 91 -0.74 19.98 2.67
CA VAL D 91 -1.86 20.35 1.81
C VAL D 91 -2.73 21.27 2.64
N ARG D 92 -2.98 22.47 2.14
CA ARG D 92 -3.77 23.47 2.84
C ARG D 92 -4.90 24.01 2.00
N GLY D 93 -5.90 24.53 2.70
CA GLY D 93 -7.08 25.13 2.06
C GLY D 93 -8.35 24.44 2.54
N ASP D 94 -9.51 25.08 2.41
CA ASP D 94 -10.75 24.43 2.86
C ASP D 94 -11.06 23.35 1.82
N THR D 95 -11.26 22.10 2.24
CA THR D 95 -11.49 20.97 1.32
C THR D 95 -12.97 20.79 0.90
N LYS D 96 -13.86 21.78 1.18
CA LYS D 96 -15.30 21.70 0.84
C LYS D 96 -15.61 21.95 -0.63
N SER D 97 -14.77 22.73 -1.31
CA SER D 97 -14.94 22.98 -2.74
C SER D 97 -14.27 21.87 -3.58
N VAL D 98 -13.57 20.93 -2.94
CA VAL D 98 -12.93 19.81 -3.64
C VAL D 98 -14.01 18.79 -4.00
N THR D 99 -13.92 18.19 -5.18
CA THR D 99 -14.87 17.15 -5.58
C THR D 99 -14.18 15.80 -5.72
N ILE D 100 -14.77 14.77 -5.10
CA ILE D 100 -14.34 13.38 -5.23
C ILE D 100 -15.44 12.69 -6.03
N PRO D 101 -15.22 12.35 -7.31
CA PRO D 101 -16.26 11.67 -8.09
C PRO D 101 -16.73 10.34 -7.46
N ALA D 102 -18.01 10.05 -7.62
CA ALA D 102 -18.66 8.84 -7.12
C ALA D 102 -18.23 7.59 -7.88
N GLY D 103 -18.47 6.45 -7.25
CA GLY D 103 -18.23 5.13 -7.82
C GLY D 103 -16.82 4.61 -7.79
N GLN D 104 -15.89 5.31 -7.13
CA GLN D 104 -14.51 4.87 -7.06
C GLN D 104 -14.33 3.85 -5.96
N LYS D 105 -13.56 2.83 -6.25
CA LYS D 105 -13.14 1.82 -5.31
C LYS D 105 -11.74 1.40 -5.75
N GLY D 106 -11.13 0.51 -5.00
CA GLY D 106 -9.80 0.02 -5.32
C GLY D 106 -8.73 0.80 -4.60
N SER D 107 -7.57 0.86 -5.20
CA SER D 107 -6.38 1.46 -4.61
C SER D 107 -6.15 2.93 -4.90
N GLN D 108 -7.04 3.64 -5.64
CA GLN D 108 -6.84 5.05 -5.92
C GLN D 108 -8.03 5.90 -5.67
N ILE D 109 -7.78 7.13 -5.27
CA ILE D 109 -8.77 8.18 -5.13
C ILE D 109 -8.34 9.25 -6.11
N ILE D 110 -9.23 9.56 -7.07
CA ILE D 110 -9.03 10.66 -7.99
C ILE D 110 -9.89 11.79 -7.48
N LEU D 111 -9.35 12.98 -7.44
CA LEU D 111 -10.15 14.14 -7.06
C LEU D 111 -9.89 15.35 -7.93
N ASN D 112 -10.81 16.27 -7.90
CA ASN D 112 -10.74 17.53 -8.62
C ASN D 112 -10.61 18.61 -7.52
N THR D 113 -9.45 19.25 -7.44
CA THR D 113 -9.19 20.25 -6.37
C THR D 113 -9.99 21.52 -6.58
N ASN D 114 -10.46 21.79 -7.83
CA ASN D 114 -11.13 23.02 -8.21
C ASN D 114 -10.22 24.25 -7.96
N GLY D 115 -8.90 24.01 -7.92
CA GLY D 115 -7.88 25.02 -7.68
C GLY D 115 -7.88 25.62 -6.28
N THR D 116 -8.53 24.96 -5.30
CA THR D 116 -8.67 25.51 -3.95
C THR D 116 -7.63 25.01 -2.95
N LEU D 117 -6.80 24.04 -3.33
CA LEU D 117 -5.80 23.49 -2.42
C LEU D 117 -4.41 23.95 -2.81
N THR D 118 -3.58 24.28 -1.80
CA THR D 118 -2.19 24.69 -1.99
C THR D 118 -1.33 23.53 -1.47
N GLY D 119 -0.17 23.33 -2.07
CA GLY D 119 0.72 22.25 -1.72
C GLY D 119 0.25 20.94 -2.34
N GLN D 120 0.93 19.86 -2.03
CA GLN D 120 0.62 18.53 -2.57
C GLN D 120 0.96 17.48 -1.52
N PRO D 121 0.24 16.35 -1.47
CA PRO D 121 0.62 15.33 -0.50
C PRO D 121 1.80 14.53 -1.01
N LYS D 122 2.44 13.83 -0.11
CA LYS D 122 3.60 13.01 -0.44
C LYS D 122 3.31 11.58 -0.04
N ALA D 123 3.89 10.61 -0.75
CA ALA D 123 3.83 9.21 -0.35
C ALA D 123 4.35 9.14 1.09
N GLY D 124 3.70 8.35 1.93
CA GLY D 124 4.04 8.25 3.35
C GLY D 124 3.13 9.07 4.21
N ASP D 125 2.42 10.06 3.65
CA ASP D 125 1.44 10.83 4.39
C ASP D 125 0.19 9.99 4.64
N LEU D 126 -0.59 10.38 5.62
CA LEU D 126 -1.87 9.74 5.93
C LEU D 126 -2.95 10.34 5.05
N PHE D 127 -4.07 9.64 4.94
CA PHE D 127 -5.23 10.09 4.21
C PHE D 127 -6.49 9.48 4.79
N LYS D 128 -7.56 10.25 4.78
CA LYS D 128 -8.85 9.78 5.23
C LYS D 128 -9.93 10.47 4.38
N LEU D 129 -11.05 9.77 4.21
CA LEU D 129 -12.26 10.34 3.60
C LEU D 129 -13.09 10.90 4.74
N SER D 130 -13.68 12.08 4.54
CA SER D 130 -14.44 12.76 5.59
C SER D 130 -15.63 11.98 6.16
N THR D 131 -16.21 11.07 5.38
CA THR D 131 -17.43 10.34 5.75
C THR D 131 -17.22 8.96 6.38
N HIS D 132 -15.98 8.48 6.45
CA HIS D 132 -15.69 7.13 6.93
C HIS D 132 -14.43 7.12 7.84
N PRO D 133 -14.38 6.28 8.89
CA PRO D 133 -13.24 6.36 9.83
C PRO D 133 -11.91 5.82 9.35
N LYS D 134 -11.88 4.96 8.33
CA LYS D 134 -10.62 4.32 7.94
C LYS D 134 -9.50 5.29 7.61
N VAL D 135 -8.31 5.02 8.12
CA VAL D 135 -7.12 5.81 7.81
C VAL D 135 -6.28 4.99 6.82
N TYR D 136 -5.79 5.67 5.79
CA TYR D 136 -4.95 5.07 4.73
C TYR D 136 -3.61 5.74 4.72
N LYS D 137 -2.64 5.12 4.10
CA LYS D 137 -1.39 5.73 3.75
C LYS D 137 -1.41 6.03 2.26
N ILE D 138 -0.79 7.15 1.89
CA ILE D 138 -0.62 7.53 0.50
C ILE D 138 0.61 6.80 0.03
N THR D 139 0.48 6.02 -1.02
CA THR D 139 1.61 5.26 -1.59
C THR D 139 2.25 5.95 -2.78
N ASN D 140 1.48 6.78 -3.47
CA ASN D 140 1.93 7.48 -4.66
C ASN D 140 1.02 8.66 -4.91
N PHE D 141 1.58 9.68 -5.54
CA PHE D 141 0.85 10.87 -5.91
C PHE D 141 1.30 11.33 -7.29
N SER D 142 0.33 11.62 -8.15
CA SER D 142 0.58 12.22 -9.46
C SER D 142 -0.59 13.15 -9.71
N SER D 143 -0.36 14.11 -10.57
CA SER D 143 -1.40 15.08 -10.86
C SER D 143 -1.33 15.54 -12.31
N SER D 144 -2.42 16.11 -12.76
CA SER D 144 -2.53 16.76 -14.06
C SER D 144 -3.42 17.95 -13.81
N GLY D 145 -2.81 19.10 -13.58
CA GLY D 145 -3.53 20.31 -13.21
C GLY D 145 -4.30 20.08 -11.92
N ASN D 146 -5.62 20.35 -11.91
CA ASN D 146 -6.49 20.14 -10.74
C ASN D 146 -6.92 18.68 -10.53
N VAL D 147 -6.45 17.74 -11.36
CA VAL D 147 -6.74 16.32 -11.17
C VAL D 147 -5.63 15.78 -10.29
N TRP D 148 -5.98 15.26 -9.13
CA TRP D 148 -5.03 14.63 -8.22
C TRP D 148 -5.33 13.14 -8.18
N ASN D 149 -4.28 12.32 -8.36
CA ASN D 149 -4.39 10.87 -8.36
CA ASN D 149 -4.38 10.87 -8.38
C ASN D 149 -3.66 10.36 -7.12
N ILE D 150 -4.43 10.02 -6.08
CA ILE D 150 -3.84 9.59 -4.82
C ILE D 150 -3.94 8.08 -4.70
N SER D 151 -2.79 7.38 -4.75
CA SER D 151 -2.80 5.92 -4.55
C SER D 151 -2.76 5.67 -3.05
N LEU D 152 -3.53 4.67 -2.59
CA LEU D 152 -3.72 4.39 -1.18
C LEU D 152 -3.42 2.96 -0.78
N TYR D 153 -3.06 2.79 0.48
CA TYR D 153 -2.88 1.49 1.14
C TYR D 153 -3.62 1.55 2.47
N PRO D 154 -4.51 0.59 2.81
CA PRO D 154 -5.01 -0.51 1.97
C PRO D 154 -5.97 0.05 0.90
N ASP D 155 -6.70 -0.85 0.19
CA ASP D 155 -7.71 -0.41 -0.78
C ASP D 155 -8.84 0.28 -0.04
N LEU D 156 -9.58 1.13 -0.73
CA LEU D 156 -10.72 1.83 -0.18
C LEU D 156 -11.71 0.84 0.48
N PHE D 157 -12.17 1.21 1.66
CA PHE D 157 -13.13 0.40 2.43
C PHE D 157 -14.55 0.64 1.94
N ILE D 158 -14.77 1.72 1.16
CA ILE D 158 -16.10 2.03 0.62
C ILE D 158 -15.98 2.41 -0.84
N THR D 159 -17.11 2.39 -1.54
CA THR D 159 -17.22 2.89 -2.90
C THR D 159 -17.65 4.34 -2.69
N THR D 160 -16.98 5.30 -3.31
CA THR D 160 -17.32 6.70 -3.11
C THR D 160 -18.74 7.03 -3.60
N THR D 161 -19.41 7.92 -2.87
CA THR D 161 -20.77 8.38 -3.18
C THR D 161 -20.74 9.71 -3.94
N GLY D 162 -19.61 10.41 -3.89
CA GLY D 162 -19.50 11.72 -4.51
C GLY D 162 -19.65 12.86 -3.51
N SER D 163 -20.03 12.57 -2.27
CA SER D 163 -20.16 13.59 -1.22
C SER D 163 -18.93 13.63 -0.33
N GLU D 164 -17.94 12.76 -0.55
CA GLU D 164 -16.77 12.72 0.31
C GLU D 164 -15.87 13.89 0.07
N LYS D 165 -15.12 14.28 1.10
CA LYS D 165 -14.10 15.30 1.02
C LYS D 165 -12.81 14.68 1.51
N PRO D 166 -11.67 15.07 0.91
CA PRO D 166 -10.40 14.50 1.35
C PRO D 166 -10.00 15.12 2.70
N VAL D 167 -9.30 14.36 3.52
CA VAL D 167 -8.76 14.83 4.81
C VAL D 167 -7.28 14.51 4.82
N PHE D 168 -6.44 15.55 4.90
CA PHE D 168 -4.99 15.40 4.98
C PHE D 168 -4.42 15.74 6.37
N ASN D 169 -5.06 16.68 7.09
CA ASN D 169 -4.57 17.18 8.38
C ASN D 169 -5.55 16.89 9.49
N GLY D 170 -5.01 16.73 10.70
CA GLY D 170 -5.81 16.50 11.90
C GLY D 170 -6.50 15.15 11.87
N ILE D 171 -5.91 14.17 11.22
CA ILE D 171 -6.50 12.85 11.07
C ILE D 171 -6.47 12.11 12.41
N LEU D 172 -7.62 11.61 12.83
CA LEU D 172 -7.73 10.81 14.03
C LEU D 172 -7.95 9.35 13.62
N PHE D 173 -7.22 8.42 14.27
CA PHE D 173 -7.42 6.98 14.09
C PHE D 173 -8.50 6.59 15.07
N ARG D 174 -9.49 5.80 14.64
CA ARG D 174 -10.57 5.33 15.50
C ARG D 174 -10.16 3.95 15.96
N THR D 175 -9.89 3.81 17.27
CA THR D 175 -9.34 2.60 17.84
C THR D 175 -10.05 2.05 19.07
N LYS D 176 -9.64 0.84 19.45
CA LYS D 176 -10.01 0.16 20.69
C LYS D 176 -8.69 -0.12 21.42
N LEU D 177 -8.74 -0.05 22.76
CA LEU D 177 -7.62 -0.32 23.65
C LEU D 177 -7.52 -1.84 23.84
N MET D 178 -6.35 -2.40 23.59
CA MET D 178 -6.12 -3.83 23.76
C MET D 178 -5.62 -4.21 25.14
N ASN D 179 -4.58 -3.53 25.68
CA ASN D 179 -4.03 -3.98 26.98
C ASN D 179 -5.06 -3.85 28.09
N GLY D 180 -5.52 -2.63 28.39
CA GLY D 180 -6.56 -2.36 29.38
C GLY D 180 -6.31 -2.88 30.77
N ASP D 181 -6.45 -4.22 30.94
CA ASP D 181 -6.24 -4.93 32.19
C ASP D 181 -4.75 -5.07 32.57
N SER D 182 -3.81 -4.70 31.67
CA SER D 182 -2.35 -4.72 31.91
C SER D 182 -1.74 -3.27 31.96
N PHE D 183 -2.58 -2.23 31.87
CA PHE D 183 -2.21 -0.81 31.91
C PHE D 183 -1.98 -0.41 33.39
N GLY D 184 -1.09 0.56 33.62
CA GLY D 184 -0.86 1.10 34.94
C GLY D 184 0.57 1.08 35.40
N SER D 185 0.84 1.77 36.52
CA SER D 185 2.18 1.87 37.07
C SER D 185 2.13 2.23 38.54
N THR D 186 3.32 2.26 39.17
CA THR D 186 3.50 2.60 40.57
C THR D 186 4.53 3.72 40.71
N LEU D 187 4.41 4.53 41.76
CA LEU D 187 5.33 5.64 41.98
C LEU D 187 6.74 5.15 42.17
N ASN D 188 7.65 5.77 41.45
CA ASN D 188 9.07 5.47 41.52
C ASN D 188 9.77 6.43 42.49
N ASN D 189 11.12 6.32 42.56
CA ASN D 189 12.02 7.14 43.40
C ASN D 189 11.97 8.66 43.08
N ASN D 190 11.51 9.05 41.87
CA ASN D 190 11.41 10.45 41.41
C ASN D 190 9.98 11.05 41.51
N GLY D 191 9.02 10.29 42.04
CA GLY D 191 7.65 10.76 42.17
C GLY D 191 6.89 10.80 40.85
N THR D 192 7.27 9.98 39.87
CA THR D 192 6.60 9.93 38.56
C THR D 192 6.29 8.47 38.24
N TYR D 193 5.49 8.23 37.19
CA TYR D 193 5.07 6.89 36.78
C TYR D 193 5.79 6.56 35.51
N SER D 194 6.59 5.51 35.55
CA SER D 194 7.39 5.06 34.43
C SER D 194 6.70 3.85 33.72
N GLY D 195 7.15 3.64 32.50
CA GLY D 195 6.75 2.50 31.67
C GLY D 195 5.31 2.42 31.22
N ILE D 196 4.60 3.56 31.16
CA ILE D 196 3.22 3.57 30.70
C ILE D 196 3.25 3.42 29.18
N SER D 197 2.46 2.47 28.69
CA SER D 197 2.33 2.23 27.26
C SER D 197 0.90 1.78 26.95
N LEU D 198 0.43 2.04 25.75
CA LEU D 198 -0.91 1.62 25.34
C LEU D 198 -0.78 0.90 24.01
N SER D 199 -1.55 -0.18 23.86
CA SER D 199 -1.60 -0.96 22.63
C SER D 199 -3.02 -0.74 22.12
N LEU D 200 -3.13 -0.10 20.97
CA LEU D 200 -4.39 0.24 20.37
C LEU D 200 -4.50 -0.40 19.03
N ARG D 201 -5.70 -0.71 18.63
CA ARG D 201 -5.93 -1.24 17.30
C ARG D 201 -7.06 -0.47 16.67
N GLU D 202 -6.86 -0.10 15.41
CA GLU D 202 -7.87 0.54 14.62
C GLU D 202 -9.09 -0.38 14.53
N SER D 203 -10.26 0.15 14.78
CA SER D 203 -11.47 -0.69 14.80
C SER D 203 -12.16 -0.65 13.45
C21 7MT E . -2.34 -42.63 41.13
C10 7MT E . -7.68 -42.43 38.58
C11 7MT E . -2.48 -40.58 39.33
C01 7MT E . -4.37 -41.81 36.88
C03 7MT E . -3.68 -40.49 36.47
C04 7MT E . -6.51 -41.06 36.13
C05 7MT E . -7.28 -39.80 36.51
C07 7MT E . -5.52 -38.18 36.41
C08 7MT E . -4.11 -38.17 36.98
C13 7MT E . -8.70 -43.37 38.69
C14 7MT E . -9.83 -43.07 39.39
C15 7MT E . -9.94 -41.85 39.97
C16 7MT E . -8.92 -40.91 39.86
C18 7MT E . -9.04 -39.54 40.54
C19 7MT E . -1.28 -41.24 39.55
C20 7MT E . -1.22 -42.26 40.44
C22 7MT E . -3.55 -41.96 40.90
C24 7MT E . -4.81 -42.37 41.66
C29 7MT E . -2.54 -39.42 38.30
C30 7MT E . -6.40 -42.78 37.79
N02 7MT E . -5.77 -41.54 37.28
N06 7MT E . -6.41 -38.91 37.30
N09 7MT E . -3.81 -39.49 37.56
N17 7MT E . -7.80 -41.22 39.17
N23 7MT E . -3.60 -40.93 40.00
O25 7MT E . -4.77 -43.31 42.49
O26 7MT E . -5.90 -41.76 41.46
O27 7MT E . -10.08 -39.26 41.19
O28 7MT E . -8.12 -38.70 40.42
TB 7MT E . -5.78 -39.91 39.38
H211 7MT E . -2.30 -43.43 41.85
H012 7MT E . -3.84 -42.25 37.73
H011 7MT E . -4.35 -42.51 36.05
H031 7MT E . -4.16 -40.11 35.56
H032 7MT E . -2.63 -40.68 36.27
H042 7MT E . -5.80 -40.83 35.33
H041 7MT E . -7.20 -41.82 35.79
H051 7MT E . -7.60 -39.28 35.61
H052 7MT E . -8.15 -40.08 37.11
H072 7MT E . -5.89 -37.17 36.30
H071 7MT E . -5.52 -38.67 35.43
H081 7MT E . -3.40 -37.95 36.18
H082 7MT E . -4.03 -37.41 37.76
H131 7MT E . -8.60 -44.34 38.22
H141 7MT E . -10.62 -43.79 39.47
H151 7MT E . -10.84 -41.60 40.54
H191 7MT E . -0.40 -40.94 39.00
H201 7MT E . -0.29 -42.77 40.62
H292 7MT E . -1.70 -39.51 37.61
H291 7MT E . -2.48 -38.47 38.83
H302 7MT E . -6.65 -43.42 36.94
H301 7MT E . -5.70 -43.31 38.44
H061 7MT E . -6.99 -38.24 37.84
C1 EDO F . -2.61 -45.04 45.10
O1 EDO F . -3.79 -44.36 44.75
C2 EDO F . -2.70 -45.60 46.53
O2 EDO F . -3.95 -45.36 47.14
H11 EDO F . -1.78 -44.36 45.03
H12 EDO F . -2.45 -45.87 44.41
HO1 EDO F . -3.66 -43.42 44.96
H21 EDO F . -1.92 -45.13 47.12
H22 EDO F . -2.54 -46.66 46.51
HO2 EDO F . -3.89 -45.51 48.10
C1 EDO G . 5.07 -27.80 30.53
O1 EDO G . 5.80 -27.96 31.70
C2 EDO G . 5.05 -29.04 29.63
O2 EDO G . 5.87 -28.84 28.51
H11 EDO G . 5.54 -26.99 29.97
H12 EDO G . 4.06 -27.53 30.81
HO1 EDO G . 6.07 -27.08 32.04
H21 EDO G . 4.03 -29.23 29.30
H22 EDO G . 5.40 -29.89 30.21
HO2 EDO G . 5.43 -28.26 27.86
CL CL H . 14.27 -6.38 27.87
NA NA I . 6.43 -35.40 40.93
TB TB J . 17.42 21.03 -15.21
C21 7MT K . -25.79 8.14 -53.88
C10 7MT K . -25.12 2.22 -53.07
C11 7MT K . -24.42 7.54 -51.60
C01 7MT K . -25.92 4.68 -50.32
C03 7MT K . -24.96 5.42 -49.35
C04 7MT K . -24.92 2.53 -50.10
C05 7MT K . -23.49 2.04 -50.29
C07 7MT K . -22.54 3.85 -49.04
C08 7MT K . -22.54 5.36 -49.24
C13 7MT K . -25.69 1.12 -53.70
C14 7MT K . -24.92 0.34 -54.50
C15 7MT K . -23.60 0.63 -54.69
C16 7MT K . -23.05 1.74 -54.05
C18 7MT K . -21.57 2.08 -54.26
C19 7MT K . -25.21 8.68 -51.66
C20 7MT K . -25.89 8.98 -52.80
C22 7MT K . -25.00 7.00 -53.81
C24 7MT K . -24.89 6.07 -55.02
C29 7MT K . -23.65 7.21 -50.30
C30 7MT K . -26.00 3.11 -52.15
N02 7MT K . -25.18 3.61 -51.02
N06 7MT K . -22.57 3.19 -50.34
N09 7MT K . -23.70 5.76 -50.06
N17 7MT K . -23.82 2.52 -53.25
N23 7MT K . -24.32 6.72 -52.66
O25 7MT K . -25.53 6.31 -56.07
O26 7MT K . -24.15 5.05 -54.96
O27 7MT K . -20.83 1.32 -54.94
O28 7MT K . -21.09 3.13 -53.74
TB 7MT K . -23.00 4.50 -52.37
H211 7MT K . -26.33 8.38 -54.79
H012 7MT K . -26.30 5.39 -51.04
H011 7MT K . -26.73 4.25 -49.75
H031 7MT K . -24.73 4.77 -48.50
H032 7MT K . -25.43 6.34 -48.99
H042 7MT K . -25.04 2.88 -49.07
H041 7MT K . -25.60 1.71 -50.29
H051 7MT K . -23.20 1.39 -49.47
H052 7MT K . -23.41 1.48 -51.23
H072 7MT K . -21.64 3.55 -48.50
H071 7MT K . -23.42 3.55 -48.47
H081 7MT K . -21.62 5.67 -49.74
H082 7MT K . -22.61 5.85 -48.26
H131 7MT K . -26.72 0.88 -53.55
H141 7MT K . -25.35 -0.52 -55.00
H151 7MT K . -23.00 0.01 -55.33
H191 7MT K . -25.28 9.34 -50.80
H201 7MT K . -26.50 9.86 -52.85
H292 7MT K . -24.12 7.74 -49.46
H291 7MT K . -22.61 7.53 -50.40
H302 7MT K . -26.83 2.53 -51.76
H301 7MT K . -26.38 3.95 -52.73
H061 7MT K . -22.89 3.85 -51.07
C1 EDO L . -26.48 9.40 -58.89
O1 EDO L . -26.78 8.82 -60.14
C2 EDO L . -26.49 8.31 -57.85
O2 EDO L . -25.26 7.68 -58.02
H11 EDO L . -27.19 10.17 -58.61
H12 EDO L . -25.50 9.84 -58.93
HO1 EDO L . -27.31 9.47 -60.64
H21 EDO L . -26.57 8.73 -56.85
H22 EDO L . -27.29 7.59 -58.03
HO2 EDO L . -25.36 6.93 -58.62
TB TB M . 10.91 13.33 24.75
C21 7MT N . -18.22 14.97 33.27
C10 7MT N . -20.10 7.31 32.03
C11 7MT N . -20.05 13.02 33.91
C01 7MT N . -19.97 8.16 34.91
C03 7MT N . -20.83 9.42 34.68
C04 7MT N . -17.57 7.79 34.76
C05 7MT N . -17.04 8.97 35.56
C07 7MT N . -17.85 11.22 35.78
C08 7MT N . -19.36 11.01 35.94
C13 7MT N . -21.01 6.39 31.51
C14 7MT N . -21.98 6.83 30.65
C15 7MT N . -22.04 8.16 30.28
C16 7MT N . -21.10 9.06 30.80
C18 7MT N . -21.02 10.55 30.51
C19 7MT N . -20.26 14.32 34.36
C20 7MT N . -19.34 15.29 34.02
C22 7MT N . -18.05 13.64 32.86
C24 7MT N . -16.86 13.17 32.05
C29 7MT N . -20.97 11.81 34.26
C30 7MT N . -18.96 6.96 33.00
N02 7MT N . -18.79 8.08 34.00
N06 7MT N . -17.25 10.26 34.87
N09 7MT N . -20.06 10.70 34.66
N17 7MT N . -20.17 8.59 31.65
N23 7MT N . -18.95 12.70 33.21
O25 7MT N . -15.93 13.94 31.67
O26 7MT N . -16.80 11.98 31.77
O27 7MT N . -21.81 11.13 29.72
O28 7MT N . -20.11 11.23 31.08
TB 7MT N . -18.45 10.29 32.59
H211 7MT N . -17.51 15.73 32.99
H012 7MT N . -20.62 7.29 34.77
H011 7MT N . -19.67 8.15 35.95
H031 7MT N . -21.56 9.49 35.49
H032 7MT N . -21.39 9.31 33.75
H042 7MT N . -17.78 6.98 35.46
H041 7MT N . -16.76 7.45 34.10
H051 7MT N . -15.97 8.84 35.72
H052 7MT N . -17.52 8.95 36.54
H072 7MT N . -17.37 11.14 36.75
H071 7MT N . -17.67 12.24 35.41
H081 7MT N . -19.77 11.93 36.38
H082 7MT N . -19.53 10.22 36.68
H131 7MT N . -20.98 5.36 31.81
H141 7MT N . -22.70 6.14 30.25
H151 7MT N . -22.81 8.50 29.60
H191 7MT N . -21.13 14.58 34.94
H201 7MT N . -19.50 16.31 34.33
H292 7MT N . -21.54 11.53 33.37
H291 7MT N . -21.66 12.07 35.06
H302 7MT N . -18.05 6.81 32.43
H301 7MT N . -19.20 6.03 33.52
H061 7MT N . -16.35 10.63 34.52
#